data_1X8S
# 
_entry.id   1X8S 
# 
_audit_conform.dict_name       mmcif_pdbx.dic 
_audit_conform.dict_version    5.386 
_audit_conform.dict_location   http://mmcif.pdb.org/dictionaries/ascii/mmcif_pdbx.dic 
# 
loop_
_database_2.database_id 
_database_2.database_code 
_database_2.pdbx_database_accession 
_database_2.pdbx_DOI 
PDB   1X8S         pdb_00001x8s 10.2210/pdb1x8s/pdb 
RCSB  RCSB030082   ?            ?                   
WWPDB D_1000030082 ?            ?                   
# 
loop_
_pdbx_audit_revision_history.ordinal 
_pdbx_audit_revision_history.data_content_type 
_pdbx_audit_revision_history.major_revision 
_pdbx_audit_revision_history.minor_revision 
_pdbx_audit_revision_history.revision_date 
1 'Structure model' 1 0 2004-12-07 
2 'Structure model' 1 1 2008-04-30 
3 'Structure model' 1 2 2011-07-13 
4 'Structure model' 1 3 2024-02-14 
# 
_pdbx_audit_revision_details.ordinal             1 
_pdbx_audit_revision_details.revision_ordinal    1 
_pdbx_audit_revision_details.data_content_type   'Structure model' 
_pdbx_audit_revision_details.provider            repository 
_pdbx_audit_revision_details.type                'Initial release' 
_pdbx_audit_revision_details.description         ? 
_pdbx_audit_revision_details.details             ? 
# 
loop_
_pdbx_audit_revision_group.ordinal 
_pdbx_audit_revision_group.revision_ordinal 
_pdbx_audit_revision_group.data_content_type 
_pdbx_audit_revision_group.group 
1 2 'Structure model' 'Version format compliance' 
2 3 'Structure model' Advisory                    
3 3 'Structure model' 'Version format compliance' 
4 4 'Structure model' 'Data collection'           
5 4 'Structure model' 'Database references'       
# 
loop_
_pdbx_audit_revision_category.ordinal 
_pdbx_audit_revision_category.revision_ordinal 
_pdbx_audit_revision_category.data_content_type 
_pdbx_audit_revision_category.category 
1 4 'Structure model' chem_comp_atom     
2 4 'Structure model' chem_comp_bond     
3 4 'Structure model' database_2         
4 4 'Structure model' struct_ref_seq_dif 
# 
loop_
_pdbx_audit_revision_item.ordinal 
_pdbx_audit_revision_item.revision_ordinal 
_pdbx_audit_revision_item.data_content_type 
_pdbx_audit_revision_item.item 
1 4 'Structure model' '_database_2.pdbx_DOI'                
2 4 'Structure model' '_database_2.pdbx_database_accession' 
3 4 'Structure model' '_struct_ref_seq_dif.details'         
# 
_pdbx_database_status.status_code                     REL 
_pdbx_database_status.entry_id                        1X8S 
_pdbx_database_status.recvd_initial_deposition_date   2004-08-18 
_pdbx_database_status.deposit_site                    RCSB 
_pdbx_database_status.process_site                    RCSB 
_pdbx_database_status.status_code_sf                  REL 
_pdbx_database_status.SG_entry                        . 
_pdbx_database_status.pdb_format_compatible           Y 
_pdbx_database_status.status_code_mr                  ? 
_pdbx_database_status.status_code_cs                  ? 
_pdbx_database_status.status_code_nmr_data            ? 
_pdbx_database_status.methods_development_category    ? 
# 
loop_
_audit_author.name 
_audit_author.pdbx_ordinal 
'Penkert, R.R.'    1 
'DiVittorio, H.M.' 2 
'Prehoda, K.E.'    3 
# 
_citation.id                        primary 
_citation.title                     'Internal recognition through PDZ domain plasticity in the Par-6-Pals1 complex.' 
_citation.journal_abbrev            Nat.Struct.Mol.Biol. 
_citation.journal_volume            11 
_citation.page_first                1122 
_citation.page_last                 1127 
_citation.year                      2004 
_citation.journal_id_ASTM           ? 
_citation.country                   US 
_citation.journal_id_ISSN           1545-9993 
_citation.journal_id_CSD            ? 
_citation.book_publisher            ? 
_citation.pdbx_database_id_PubMed   15475968 
_citation.pdbx_database_id_DOI      10.1038/nsmb839 
# 
loop_
_citation_author.citation_id 
_citation_author.name 
_citation_author.ordinal 
_citation_author.identifier_ORCID 
primary 'Penkert, R.R.'    1 ? 
primary 'Divittorio, H.M.' 2 ? 
primary 'Prehoda, K.E.'    3 ? 
# 
loop_
_entity.id 
_entity.type 
_entity.src_method 
_entity.pdbx_description 
_entity.formula_weight 
_entity.pdbx_number_of_molecules 
_entity.pdbx_ec 
_entity.pdbx_mutation 
_entity.pdbx_fragment 
_entity.details 
1 polymer man CG5884-PA       10926.463 1 ? ? ? ? 
2 polymer syn 'Pals1 peptide' 1448.688  1 ? ? ? ? 
3 water   nat water           18.015    5 ? ? ? ? 
# 
_entity_name_com.entity_id   1 
_entity_name_com.name        Par-6 
# 
loop_
_entity_poly.entity_id 
_entity_poly.type 
_entity_poly.nstd_linkage 
_entity_poly.nstd_monomer 
_entity_poly.pdbx_seq_one_letter_code 
_entity_poly.pdbx_seq_one_letter_code_can 
_entity_poly.pdbx_strand_id 
_entity_poly.pdbx_target_identifier 
1 'polypeptide(L)' no no 
;GSETHRRVRLLKHGSDKPLGFYIRDGTSVRVTASGLEKQPGIFISRLVPGGLAESTGLLAVNDEVIEVNGIEVAGKTLDQ
VTDMMVANSSNLIITVKPANQR
;
;GSETHRRVRLLKHGSDKPLGFYIRDGTSVRVTASGLEKQPGIFISRLVPGGLAESTGLLAVNDEVIEVNGIEVAGKTLDQ
VTDMMVANSSNLIITVKPANQR
;
A ? 
2 'polypeptide(L)' no no YPKHREMAVDCP                                                                                              
YPKHREMAVDCP                                                                                              B ? 
# 
_pdbx_entity_nonpoly.entity_id   3 
_pdbx_entity_nonpoly.name        water 
_pdbx_entity_nonpoly.comp_id     HOH 
# 
loop_
_entity_poly_seq.entity_id 
_entity_poly_seq.num 
_entity_poly_seq.mon_id 
_entity_poly_seq.hetero 
1 1   GLY n 
1 2   SER n 
1 3   GLU n 
1 4   THR n 
1 5   HIS n 
1 6   ARG n 
1 7   ARG n 
1 8   VAL n 
1 9   ARG n 
1 10  LEU n 
1 11  LEU n 
1 12  LYS n 
1 13  HIS n 
1 14  GLY n 
1 15  SER n 
1 16  ASP n 
1 17  LYS n 
1 18  PRO n 
1 19  LEU n 
1 20  GLY n 
1 21  PHE n 
1 22  TYR n 
1 23  ILE n 
1 24  ARG n 
1 25  ASP n 
1 26  GLY n 
1 27  THR n 
1 28  SER n 
1 29  VAL n 
1 30  ARG n 
1 31  VAL n 
1 32  THR n 
1 33  ALA n 
1 34  SER n 
1 35  GLY n 
1 36  LEU n 
1 37  GLU n 
1 38  LYS n 
1 39  GLN n 
1 40  PRO n 
1 41  GLY n 
1 42  ILE n 
1 43  PHE n 
1 44  ILE n 
1 45  SER n 
1 46  ARG n 
1 47  LEU n 
1 48  VAL n 
1 49  PRO n 
1 50  GLY n 
1 51  GLY n 
1 52  LEU n 
1 53  ALA n 
1 54  GLU n 
1 55  SER n 
1 56  THR n 
1 57  GLY n 
1 58  LEU n 
1 59  LEU n 
1 60  ALA n 
1 61  VAL n 
1 62  ASN n 
1 63  ASP n 
1 64  GLU n 
1 65  VAL n 
1 66  ILE n 
1 67  GLU n 
1 68  VAL n 
1 69  ASN n 
1 70  GLY n 
1 71  ILE n 
1 72  GLU n 
1 73  VAL n 
1 74  ALA n 
1 75  GLY n 
1 76  LYS n 
1 77  THR n 
1 78  LEU n 
1 79  ASP n 
1 80  GLN n 
1 81  VAL n 
1 82  THR n 
1 83  ASP n 
1 84  MET n 
1 85  MET n 
1 86  VAL n 
1 87  ALA n 
1 88  ASN n 
1 89  SER n 
1 90  SER n 
1 91  ASN n 
1 92  LEU n 
1 93  ILE n 
1 94  ILE n 
1 95  THR n 
1 96  VAL n 
1 97  LYS n 
1 98  PRO n 
1 99  ALA n 
1 100 ASN n 
1 101 GLN n 
1 102 ARG n 
2 1   TYR n 
2 2   PRO n 
2 3   LYS n 
2 4   HIS n 
2 5   ARG n 
2 6   GLU n 
2 7   MET n 
2 8   ALA n 
2 9   VAL n 
2 10  ASP n 
2 11  CYS n 
2 12  PRO n 
# 
_entity_src_gen.entity_id                          1 
_entity_src_gen.pdbx_src_id                        1 
_entity_src_gen.pdbx_alt_source_flag               sample 
_entity_src_gen.pdbx_seq_type                      ? 
_entity_src_gen.pdbx_beg_seq_num                   ? 
_entity_src_gen.pdbx_end_seq_num                   ? 
_entity_src_gen.gene_src_common_name               'fruit fly' 
_entity_src_gen.gene_src_genus                     Drosophila 
_entity_src_gen.pdbx_gene_src_gene                 PAR-6 
_entity_src_gen.gene_src_species                   ? 
_entity_src_gen.gene_src_strain                    ? 
_entity_src_gen.gene_src_tissue                    ? 
_entity_src_gen.gene_src_tissue_fraction           ? 
_entity_src_gen.gene_src_details                   ? 
_entity_src_gen.pdbx_gene_src_fragment             ? 
_entity_src_gen.pdbx_gene_src_scientific_name      'Drosophila melanogaster' 
_entity_src_gen.pdbx_gene_src_ncbi_taxonomy_id     7227 
_entity_src_gen.pdbx_gene_src_variant              ? 
_entity_src_gen.pdbx_gene_src_cell_line            ? 
_entity_src_gen.pdbx_gene_src_atcc                 ? 
_entity_src_gen.pdbx_gene_src_organ                ? 
_entity_src_gen.pdbx_gene_src_organelle            ? 
_entity_src_gen.pdbx_gene_src_cell                 ? 
_entity_src_gen.pdbx_gene_src_cellular_location    ? 
_entity_src_gen.host_org_common_name               ? 
_entity_src_gen.pdbx_host_org_scientific_name      'Escherichia coli BL21(DE3)' 
_entity_src_gen.pdbx_host_org_ncbi_taxonomy_id     469008 
_entity_src_gen.host_org_genus                     Escherichia 
_entity_src_gen.pdbx_host_org_gene                 ? 
_entity_src_gen.pdbx_host_org_organ                ? 
_entity_src_gen.host_org_species                   'Escherichia coli' 
_entity_src_gen.pdbx_host_org_tissue               ? 
_entity_src_gen.pdbx_host_org_tissue_fraction      ? 
_entity_src_gen.pdbx_host_org_strain               'BL21(DE3)' 
_entity_src_gen.pdbx_host_org_variant              ? 
_entity_src_gen.pdbx_host_org_cell_line            ? 
_entity_src_gen.pdbx_host_org_atcc                 ? 
_entity_src_gen.pdbx_host_org_culture_collection   ? 
_entity_src_gen.pdbx_host_org_cell                 ? 
_entity_src_gen.pdbx_host_org_organelle            ? 
_entity_src_gen.pdbx_host_org_cellular_location    ? 
_entity_src_gen.pdbx_host_org_vector_type          plasmid 
_entity_src_gen.pdbx_host_org_vector               ? 
_entity_src_gen.host_org_details                   ? 
_entity_src_gen.expression_system_id               ? 
_entity_src_gen.plasmid_name                       pBH4 
_entity_src_gen.plasmid_details                    ? 
_entity_src_gen.pdbx_description                   ? 
# 
_pdbx_entity_src_syn.entity_id              2 
_pdbx_entity_src_syn.pdbx_src_id            1 
_pdbx_entity_src_syn.pdbx_alt_source_flag   sample 
_pdbx_entity_src_syn.pdbx_beg_seq_num       ? 
_pdbx_entity_src_syn.pdbx_end_seq_num       ? 
_pdbx_entity_src_syn.organism_scientific    ? 
_pdbx_entity_src_syn.organism_common_name   ? 
_pdbx_entity_src_syn.ncbi_taxonomy_id       ? 
_pdbx_entity_src_syn.details                'solid phase peptide synthesis' 
# 
loop_
_chem_comp.id 
_chem_comp.type 
_chem_comp.mon_nstd_flag 
_chem_comp.name 
_chem_comp.pdbx_synonyms 
_chem_comp.formula 
_chem_comp.formula_weight 
ALA 'L-peptide linking' y ALANINE         ? 'C3 H7 N O2'     89.093  
ARG 'L-peptide linking' y ARGININE        ? 'C6 H15 N4 O2 1' 175.209 
ASN 'L-peptide linking' y ASPARAGINE      ? 'C4 H8 N2 O3'    132.118 
ASP 'L-peptide linking' y 'ASPARTIC ACID' ? 'C4 H7 N O4'     133.103 
CYS 'L-peptide linking' y CYSTEINE        ? 'C3 H7 N O2 S'   121.158 
GLN 'L-peptide linking' y GLUTAMINE       ? 'C5 H10 N2 O3'   146.144 
GLU 'L-peptide linking' y 'GLUTAMIC ACID' ? 'C5 H9 N O4'     147.129 
GLY 'peptide linking'   y GLYCINE         ? 'C2 H5 N O2'     75.067  
HIS 'L-peptide linking' y HISTIDINE       ? 'C6 H10 N3 O2 1' 156.162 
HOH non-polymer         . WATER           ? 'H2 O'           18.015  
ILE 'L-peptide linking' y ISOLEUCINE      ? 'C6 H13 N O2'    131.173 
LEU 'L-peptide linking' y LEUCINE         ? 'C6 H13 N O2'    131.173 
LYS 'L-peptide linking' y LYSINE          ? 'C6 H15 N2 O2 1' 147.195 
MET 'L-peptide linking' y METHIONINE      ? 'C5 H11 N O2 S'  149.211 
PHE 'L-peptide linking' y PHENYLALANINE   ? 'C9 H11 N O2'    165.189 
PRO 'L-peptide linking' y PROLINE         ? 'C5 H9 N O2'     115.130 
SER 'L-peptide linking' y SERINE          ? 'C3 H7 N O3'     105.093 
THR 'L-peptide linking' y THREONINE       ? 'C4 H9 N O3'     119.119 
TYR 'L-peptide linking' y TYROSINE        ? 'C9 H11 N O3'    181.189 
VAL 'L-peptide linking' y VALINE          ? 'C5 H11 N O2'    117.146 
# 
loop_
_pdbx_poly_seq_scheme.asym_id 
_pdbx_poly_seq_scheme.entity_id 
_pdbx_poly_seq_scheme.seq_id 
_pdbx_poly_seq_scheme.mon_id 
_pdbx_poly_seq_scheme.ndb_seq_num 
_pdbx_poly_seq_scheme.pdb_seq_num 
_pdbx_poly_seq_scheme.auth_seq_num 
_pdbx_poly_seq_scheme.pdb_mon_id 
_pdbx_poly_seq_scheme.auth_mon_id 
_pdbx_poly_seq_scheme.pdb_strand_id 
_pdbx_poly_seq_scheme.pdb_ins_code 
_pdbx_poly_seq_scheme.hetero 
A 1 1   GLY 1   154 ?   ?   ?   A . n 
A 1 2   SER 2   155 ?   ?   ?   A . n 
A 1 3   GLU 3   156 156 GLU GLU A . n 
A 1 4   THR 4   157 157 THR THR A . n 
A 1 5   HIS 5   158 158 HIS HIS A . n 
A 1 6   ARG 6   159 159 ARG ARG A . n 
A 1 7   ARG 7   160 160 ARG ARG A . n 
A 1 8   VAL 8   161 161 VAL VAL A . n 
A 1 9   ARG 9   162 162 ARG ARG A . n 
A 1 10  LEU 10  163 163 LEU LEU A . n 
A 1 11  LEU 11  164 164 LEU LEU A . n 
A 1 12  LYS 12  165 165 LYS LYS A . n 
A 1 13  HIS 13  166 166 HIS HIS A . n 
A 1 14  GLY 14  167 167 GLY GLY A . n 
A 1 15  SER 15  168 168 SER SER A . n 
A 1 16  ASP 16  169 169 ASP ASP A . n 
A 1 17  LYS 17  170 170 LYS LYS A . n 
A 1 18  PRO 18  171 171 PRO PRO A . n 
A 1 19  LEU 19  172 172 LEU LEU A . n 
A 1 20  GLY 20  173 173 GLY GLY A . n 
A 1 21  PHE 21  174 174 PHE PHE A . n 
A 1 22  TYR 22  175 175 TYR TYR A . n 
A 1 23  ILE 23  176 176 ILE ILE A . n 
A 1 24  ARG 24  177 177 ARG ARG A . n 
A 1 25  ASP 25  178 178 ASP ASP A . n 
A 1 26  GLY 26  179 179 GLY GLY A . n 
A 1 27  THR 27  180 180 THR THR A . n 
A 1 28  SER 28  181 181 SER SER A . n 
A 1 29  VAL 29  182 182 VAL VAL A . n 
A 1 30  ARG 30  183 183 ARG ARG A . n 
A 1 31  VAL 31  184 184 VAL VAL A . n 
A 1 32  THR 32  185 185 THR THR A . n 
A 1 33  ALA 33  186 186 ALA ALA A . n 
A 1 34  SER 34  187 187 SER SER A . n 
A 1 35  GLY 35  188 188 GLY GLY A . n 
A 1 36  LEU 36  189 189 LEU LEU A . n 
A 1 37  GLU 37  190 190 GLU GLU A . n 
A 1 38  LYS 38  191 191 LYS LYS A . n 
A 1 39  GLN 39  192 192 GLN GLN A . n 
A 1 40  PRO 40  193 193 PRO PRO A . n 
A 1 41  GLY 41  194 194 GLY GLY A . n 
A 1 42  ILE 42  195 195 ILE ILE A . n 
A 1 43  PHE 43  196 196 PHE PHE A . n 
A 1 44  ILE 44  197 197 ILE ILE A . n 
A 1 45  SER 45  198 198 SER SER A . n 
A 1 46  ARG 46  199 199 ARG ARG A . n 
A 1 47  LEU 47  200 200 LEU LEU A . n 
A 1 48  VAL 48  201 201 VAL VAL A . n 
A 1 49  PRO 49  202 202 PRO PRO A . n 
A 1 50  GLY 50  203 203 GLY GLY A . n 
A 1 51  GLY 51  204 204 GLY GLY A . n 
A 1 52  LEU 52  205 205 LEU LEU A . n 
A 1 53  ALA 53  206 206 ALA ALA A . n 
A 1 54  GLU 54  207 207 GLU GLU A . n 
A 1 55  SER 55  208 208 SER SER A . n 
A 1 56  THR 56  209 209 THR THR A . n 
A 1 57  GLY 57  210 210 GLY GLY A . n 
A 1 58  LEU 58  211 211 LEU LEU A . n 
A 1 59  LEU 59  212 212 LEU LEU A . n 
A 1 60  ALA 60  213 213 ALA ALA A . n 
A 1 61  VAL 61  214 214 VAL VAL A . n 
A 1 62  ASN 62  215 215 ASN ASN A . n 
A 1 63  ASP 63  216 216 ASP ASP A . n 
A 1 64  GLU 64  217 217 GLU GLU A . n 
A 1 65  VAL 65  218 218 VAL VAL A . n 
A 1 66  ILE 66  219 219 ILE ILE A . n 
A 1 67  GLU 67  220 220 GLU GLU A . n 
A 1 68  VAL 68  221 221 VAL VAL A . n 
A 1 69  ASN 69  222 222 ASN ASN A . n 
A 1 70  GLY 70  223 223 GLY GLY A . n 
A 1 71  ILE 71  224 224 ILE ILE A . n 
A 1 72  GLU 72  225 225 GLU GLU A . n 
A 1 73  VAL 73  226 226 VAL VAL A . n 
A 1 74  ALA 74  227 227 ALA ALA A . n 
A 1 75  GLY 75  228 228 GLY GLY A . n 
A 1 76  LYS 76  229 229 LYS LYS A . n 
A 1 77  THR 77  230 230 THR THR A . n 
A 1 78  LEU 78  231 231 LEU LEU A . n 
A 1 79  ASP 79  232 232 ASP ASP A . n 
A 1 80  GLN 80  233 233 GLN GLN A . n 
A 1 81  VAL 81  234 234 VAL VAL A . n 
A 1 82  THR 82  235 235 THR THR A . n 
A 1 83  ASP 83  236 236 ASP ASP A . n 
A 1 84  MET 84  237 237 MET MET A . n 
A 1 85  MET 85  238 238 MET MET A . n 
A 1 86  VAL 86  239 239 VAL VAL A . n 
A 1 87  ALA 87  240 240 ALA ALA A . n 
A 1 88  ASN 88  241 241 ASN ASN A . n 
A 1 89  SER 89  242 242 SER SER A . n 
A 1 90  SER 90  243 243 SER SER A . n 
A 1 91  ASN 91  244 244 ASN ASN A . n 
A 1 92  LEU 92  245 245 LEU LEU A . n 
A 1 93  ILE 93  246 246 ILE ILE A . n 
A 1 94  ILE 94  247 247 ILE ILE A . n 
A 1 95  THR 95  248 248 THR THR A . n 
A 1 96  VAL 96  249 249 VAL VAL A . n 
A 1 97  LYS 97  250 250 LYS LYS A . n 
A 1 98  PRO 98  251 251 PRO PRO A . n 
A 1 99  ALA 99  252 252 ALA ALA A . n 
A 1 100 ASN 100 253 253 ASN ALA A . n 
A 1 101 GLN 101 254 ?   ?   ?   A . n 
A 1 102 ARG 102 255 ?   ?   ?   A . n 
B 2 1   TYR 1   29  ?   ?   ?   B . n 
B 2 2   PRO 2   30  ?   ?   ?   B . n 
B 2 3   LYS 3   31  ?   ?   ?   B . n 
B 2 4   HIS 4   32  32  HIS HIS B . n 
B 2 5   ARG 5   33  33  ARG ARG B . n 
B 2 6   GLU 6   34  34  GLU GLU B . n 
B 2 7   MET 7   35  35  MET MET B . n 
B 2 8   ALA 8   36  36  ALA ALA B . n 
B 2 9   VAL 9   37  37  VAL VAL B . n 
B 2 10  ASP 10  38  38  ASP ASP B . n 
B 2 11  CYS 11  39  39  CYS CYS B . n 
B 2 12  PRO 12  40  40  PRO PRO B . n 
# 
loop_
_pdbx_nonpoly_scheme.asym_id 
_pdbx_nonpoly_scheme.entity_id 
_pdbx_nonpoly_scheme.mon_id 
_pdbx_nonpoly_scheme.ndb_seq_num 
_pdbx_nonpoly_scheme.pdb_seq_num 
_pdbx_nonpoly_scheme.auth_seq_num 
_pdbx_nonpoly_scheme.pdb_mon_id 
_pdbx_nonpoly_scheme.auth_mon_id 
_pdbx_nonpoly_scheme.pdb_strand_id 
_pdbx_nonpoly_scheme.pdb_ins_code 
C 3 HOH 1 1 1 HOH HOH A . 
C 3 HOH 2 3 3 HOH HOH A . 
C 3 HOH 3 4 4 HOH HOH A . 
C 3 HOH 4 5 5 HOH HOH A . 
D 3 HOH 1 2 2 HOH HOH B . 
# 
loop_
_pdbx_unobs_or_zero_occ_atoms.id 
_pdbx_unobs_or_zero_occ_atoms.PDB_model_num 
_pdbx_unobs_or_zero_occ_atoms.polymer_flag 
_pdbx_unobs_or_zero_occ_atoms.occupancy_flag 
_pdbx_unobs_or_zero_occ_atoms.auth_asym_id 
_pdbx_unobs_or_zero_occ_atoms.auth_comp_id 
_pdbx_unobs_or_zero_occ_atoms.auth_seq_id 
_pdbx_unobs_or_zero_occ_atoms.PDB_ins_code 
_pdbx_unobs_or_zero_occ_atoms.auth_atom_id 
_pdbx_unobs_or_zero_occ_atoms.label_alt_id 
_pdbx_unobs_or_zero_occ_atoms.label_asym_id 
_pdbx_unobs_or_zero_occ_atoms.label_comp_id 
_pdbx_unobs_or_zero_occ_atoms.label_seq_id 
_pdbx_unobs_or_zero_occ_atoms.label_atom_id 
1 1 Y 1 A ASN 253 ? CG  ? A ASN 100 CG  
2 1 Y 1 A ASN 253 ? OD1 ? A ASN 100 OD1 
3 1 Y 1 A ASN 253 ? ND2 ? A ASN 100 ND2 
# 
loop_
_software.name 
_software.classification 
_software.version 
_software.citation_id 
_software.pdbx_ordinal 
REFMAC    refinement     5.2.0005 ? 1 
SCALEPACK 'data scaling' .        ? 2 
AMoRE     phasing        .        ? 3 
# 
_cell.entry_id           1X8S 
_cell.length_a           63.122 
_cell.length_b           63.122 
_cell.length_c           99.276 
_cell.angle_alpha        90.00 
_cell.angle_beta         90.00 
_cell.angle_gamma        120.00 
_cell.Z_PDB              9 
_cell.pdbx_unique_axis   ? 
# 
_symmetry.entry_id                         1X8S 
_symmetry.space_group_name_H-M             'H 3' 
_symmetry.pdbx_full_space_group_name_H-M   ? 
_symmetry.cell_setting                     ? 
_symmetry.Int_Tables_number                146 
_symmetry.space_group_name_Hall            ? 
# 
_exptl.entry_id          1X8S 
_exptl.method            'X-RAY DIFFRACTION' 
_exptl.crystals_number   1 
# 
_exptl_crystal.id                    1 
_exptl_crystal.density_meas          ? 
_exptl_crystal.density_Matthews      3.08 
_exptl_crystal.density_percent_sol   60.01 
_exptl_crystal.description           ? 
_exptl_crystal.F_000                 ? 
_exptl_crystal.preparation           ? 
# 
_exptl_crystal_grow.crystal_id      1 
_exptl_crystal_grow.method          'VAPOR DIFFUSION, HANGING DROP' 
_exptl_crystal_grow.temp            288 
_exptl_crystal_grow.temp_details    ? 
_exptl_crystal_grow.pH              7.1 
_exptl_crystal_grow.pdbx_details    'PEG 6000, pH 7.1, VAPOR DIFFUSION, HANGING DROP, temperature 288K' 
_exptl_crystal_grow.pdbx_pH_range   . 
# 
_diffrn.id                     1 
_diffrn.ambient_temp           ? 
_diffrn.ambient_temp_details   ? 
_diffrn.crystal_id             1 
# 
_diffrn_detector.diffrn_id              1 
_diffrn_detector.detector               ? 
_diffrn_detector.type                   ? 
_diffrn_detector.pdbx_collection_date   2003-08-15 
_diffrn_detector.details                ? 
# 
_diffrn_radiation.diffrn_id                        1 
_diffrn_radiation.wavelength_id                    1 
_diffrn_radiation.pdbx_monochromatic_or_laue_m_l   M 
_diffrn_radiation.monochromator                    ? 
_diffrn_radiation.pdbx_diffrn_protocol             'SINGLE WAVELENGTH' 
_diffrn_radiation.pdbx_scattering_type             x-ray 
# 
_diffrn_radiation_wavelength.id           1 
_diffrn_radiation_wavelength.wavelength   . 
_diffrn_radiation_wavelength.wt           1.0 
# 
_reflns.entry_id                     1X8S 
_reflns.observed_criterion_sigma_F   ? 
_reflns.observed_criterion_sigma_I   ? 
_reflns.d_resolution_high            2.20 
_reflns.d_resolution_low             23.90 
_reflns.number_all                   ? 
_reflns.number_obs                   5889 
_reflns.percent_possible_obs         ? 
_reflns.pdbx_Rmerge_I_obs            ? 
_reflns.pdbx_Rsym_value              ? 
_reflns.pdbx_netI_over_sigmaI        ? 
_reflns.B_iso_Wilson_estimate        ? 
_reflns.pdbx_redundancy              ? 
_reflns.R_free_details               ? 
_reflns.limit_h_max                  ? 
_reflns.limit_h_min                  ? 
_reflns.limit_k_max                  ? 
_reflns.limit_k_min                  ? 
_reflns.limit_l_max                  ? 
_reflns.limit_l_min                  ? 
_reflns.observed_criterion_F_max     ? 
_reflns.observed_criterion_F_min     ? 
_reflns.pdbx_chi_squared             ? 
_reflns.pdbx_scaling_rejects         ? 
_reflns.pdbx_ordinal                 1 
_reflns.pdbx_diffrn_id               1 
# 
_refine.entry_id                                 1X8S 
_refine.ls_number_reflns_obs                     4573 
_refine.ls_number_reflns_all                     ? 
_refine.pdbx_ls_sigma_I                          ? 
_refine.pdbx_ls_sigma_F                          ? 
_refine.pdbx_data_cutoff_high_absF               ? 
_refine.pdbx_data_cutoff_low_absF                ? 
_refine.pdbx_data_cutoff_high_rms_absF           ? 
_refine.ls_d_res_low                             23.90 
_refine.ls_d_res_high                            2.503 
_refine.ls_percent_reflns_obs                    94.05 
_refine.ls_R_factor_obs                          0.21712 
_refine.ls_R_factor_all                          0.21712 
_refine.ls_R_factor_R_work                       0.2156 
_refine.ls_R_factor_R_free                       0.25405 
_refine.ls_R_factor_R_free_error                 ? 
_refine.ls_R_factor_R_free_error_details         ? 
_refine.ls_percent_reflns_R_free                 4.5 
_refine.ls_number_reflns_R_free                  217 
_refine.ls_number_parameters                     ? 
_refine.ls_number_restraints                     ? 
_refine.occupancy_min                            ? 
_refine.occupancy_max                            ? 
_refine.correlation_coeff_Fo_to_Fc               .954 
_refine.correlation_coeff_Fo_to_Fc_free          .927 
_refine.B_iso_mean                               32.579 
_refine.aniso_B[1][1]                            4.24 
_refine.aniso_B[2][2]                            4.24 
_refine.aniso_B[3][3]                            -6.36 
_refine.aniso_B[1][2]                            2.12 
_refine.aniso_B[1][3]                            .00 
_refine.aniso_B[2][3]                            .00 
_refine.solvent_model_details                    'BABINET MODEL WITH MASK' 
_refine.solvent_model_param_ksol                 ? 
_refine.solvent_model_param_bsol                 ? 
_refine.pdbx_solvent_vdw_probe_radii             1.20 
_refine.pdbx_solvent_ion_probe_radii             .80 
_refine.pdbx_solvent_shrinkage_radii             .80 
_refine.pdbx_ls_cross_valid_method               THROUGHOUT 
_refine.details                                  'HYDROGENS HAVE BEEN ADDED IN THE RIDING POSITIONS' 
_refine.pdbx_starting_model                      ? 
_refine.pdbx_method_to_determine_struct          'MOLECULAR REPLACEMENT' 
_refine.pdbx_isotropic_thermal_model             ? 
_refine.pdbx_stereochemistry_target_values       'MAXIMUM LIKELIHOOD' 
_refine.pdbx_stereochem_target_val_spec_case     ? 
_refine.pdbx_R_Free_selection_details            RANDOM 
_refine.pdbx_overall_ESU_R                       .436 
_refine.pdbx_overall_ESU_R_Free                  .277 
_refine.overall_SU_ML                            .208 
_refine.overall_SU_B                             23.392 
_refine.ls_redundancy_reflns_obs                 ? 
_refine.B_iso_min                                ? 
_refine.B_iso_max                                ? 
_refine.overall_SU_R_Cruickshank_DPI             ? 
_refine.overall_SU_R_free                        ? 
_refine.ls_wR_factor_R_free                      ? 
_refine.ls_wR_factor_R_work                      ? 
_refine.overall_FOM_free_R_set                   ? 
_refine.overall_FOM_work_R_set                   ? 
_refine.pdbx_refine_id                           'X-RAY DIFFRACTION' 
_refine.pdbx_TLS_residual_ADP_flag               'LIKELY RESIDUAL' 
_refine.pdbx_diffrn_id                           1 
_refine.pdbx_overall_phase_error                 ? 
_refine.pdbx_overall_SU_R_free_Cruickshank_DPI   ? 
_refine.pdbx_overall_SU_R_Blow_DPI               ? 
_refine.pdbx_overall_SU_R_free_Blow_DPI          ? 
# 
_refine_hist.pdbx_refine_id                   'X-RAY DIFFRACTION' 
_refine_hist.cycle_id                         LAST 
_refine_hist.pdbx_number_atoms_protein        804 
_refine_hist.pdbx_number_atoms_nucleic_acid   0 
_refine_hist.pdbx_number_atoms_ligand         0 
_refine_hist.number_atoms_solvent             5 
_refine_hist.number_atoms_total               809 
_refine_hist.d_res_high                       2.503 
_refine_hist.d_res_low                        23.90 
# 
loop_
_refine_ls_restr.type 
_refine_ls_restr.dev_ideal 
_refine_ls_restr.dev_ideal_target 
_refine_ls_restr.weight 
_refine_ls_restr.number 
_refine_ls_restr.pdbx_refine_id 
_refine_ls_restr.pdbx_restraint_function 
r_bond_refined_d         .006   .022   ? 814  'X-RAY DIFFRACTION' ? 
r_bond_other_d           .002   .020   ? 784  'X-RAY DIFFRACTION' ? 
r_angle_refined_deg      .948   1.987  ? 1101 'X-RAY DIFFRACTION' ? 
r_angle_other_deg        .671   3.000  ? 1818 'X-RAY DIFFRACTION' ? 
r_dihedral_angle_1_deg   5.387  5.000  ? 105  'X-RAY DIFFRACTION' ? 
r_dihedral_angle_2_deg   34.784 23.750 ? 32   'X-RAY DIFFRACTION' ? 
r_dihedral_angle_3_deg   14.872 15.000 ? 145  'X-RAY DIFFRACTION' ? 
r_dihedral_angle_4_deg   11.752 15.000 ? 7    'X-RAY DIFFRACTION' ? 
r_chiral_restr           .058   .200   ? 133  'X-RAY DIFFRACTION' ? 
r_gen_planes_refined     .002   .020   ? 899  'X-RAY DIFFRACTION' ? 
r_gen_planes_other       .001   .020   ? 148  'X-RAY DIFFRACTION' ? 
r_nbd_refined            .185   .200   ? 140  'X-RAY DIFFRACTION' ? 
r_nbd_other              .155   .200   ? 765  'X-RAY DIFFRACTION' ? 
r_nbtor_refined          .152   .200   ? 389  'X-RAY DIFFRACTION' ? 
r_nbtor_other            .076   .200   ? 540  'X-RAY DIFFRACTION' ? 
r_xyhbond_nbd_refined    .118   .200   ? 16   'X-RAY DIFFRACTION' ? 
r_xyhbond_nbd_other      ?      ?      ? ?    'X-RAY DIFFRACTION' ? 
r_metal_ion_refined      ?      ?      ? ?    'X-RAY DIFFRACTION' ? 
r_metal_ion_other        ?      ?      ? ?    'X-RAY DIFFRACTION' ? 
r_symmetry_vdw_refined   .087   .200   ? 4    'X-RAY DIFFRACTION' ? 
r_symmetry_vdw_other     .159   .200   ? 21   'X-RAY DIFFRACTION' ? 
r_symmetry_hbond_refined ?      ?      ? ?    'X-RAY DIFFRACTION' ? 
r_symmetry_hbond_other   ?      ?      ? ?    'X-RAY DIFFRACTION' ? 
r_mcbond_it              .266   1.500  ? 683  'X-RAY DIFFRACTION' ? 
r_mcbond_other           .027   1.500  ? 223  'X-RAY DIFFRACTION' ? 
r_mcangle_it             .293   2.000  ? 857  'X-RAY DIFFRACTION' ? 
r_scbond_it              .401   3.000  ? 309  'X-RAY DIFFRACTION' ? 
r_scangle_it             .625   4.500  ? 244  'X-RAY DIFFRACTION' ? 
r_rigid_bond_restr       ?      ?      ? ?    'X-RAY DIFFRACTION' ? 
r_sphericity_free        ?      ?      ? ?    'X-RAY DIFFRACTION' ? 
r_sphericity_bonded      ?      ?      ? ?    'X-RAY DIFFRACTION' ? 
# 
_refine_ls_shell.pdbx_total_number_of_bins_used   20 
_refine_ls_shell.d_res_high                       2.503 
_refine_ls_shell.d_res_low                        2.568 
_refine_ls_shell.number_reflns_R_work             220 
_refine_ls_shell.R_factor_R_work                  0.386 
_refine_ls_shell.percent_reflns_obs               62.10 
_refine_ls_shell.R_factor_R_free                  0.435 
_refine_ls_shell.R_factor_R_free_error            ? 
_refine_ls_shell.percent_reflns_R_free            ? 
_refine_ls_shell.number_reflns_R_free             11 
_refine_ls_shell.number_reflns_obs                ? 
_refine_ls_shell.redundancy_reflns_obs            ? 
_refine_ls_shell.number_reflns_all                ? 
_refine_ls_shell.pdbx_refine_id                   'X-RAY DIFFRACTION' 
_refine_ls_shell.R_factor_all                     ? 
# 
_struct.entry_id                  1X8S 
_struct.title                     'Structure of the Par-6 PDZ domain with a Pals1 internal ligand' 
_struct.pdbx_model_details        ? 
_struct.pdbx_CASP_flag            ? 
_struct.pdbx_model_type_details   ? 
# 
_struct_keywords.entry_id        1X8S 
_struct_keywords.pdbx_keywords   'CELL CYCLE' 
_struct_keywords.text            'CELL CYCLE, PAR-6' 
# 
loop_
_struct_asym.id 
_struct_asym.pdbx_blank_PDB_chainid_flag 
_struct_asym.pdbx_modified 
_struct_asym.entity_id 
_struct_asym.details 
A N N 1 ? 
B N N 2 ? 
C N N 3 ? 
D N N 3 ? 
# 
loop_
_struct_ref.id 
_struct_ref.db_name 
_struct_ref.db_code 
_struct_ref.pdbx_db_accession 
_struct_ref.entity_id 
_struct_ref.pdbx_seq_one_letter_code 
_struct_ref.pdbx_align_begin 
_struct_ref.pdbx_db_isoform 
1 GB  NP_573238 18860099 1 
;ETHRRVRLLKHGSDKPLGFYIRDGTSVRVTASGLEKQPGIFISRLVPGGLAESTGLLAVNDEVIEVNGIEVAGKTLDQVT
DMMVANSSNLIITVKPANQR
;
156 ? 
2 PDB 1X8S      1X8S     2 ?                                                                                                       
?   ? 
# 
loop_
_struct_ref_seq.align_id 
_struct_ref_seq.ref_id 
_struct_ref_seq.pdbx_PDB_id_code 
_struct_ref_seq.pdbx_strand_id 
_struct_ref_seq.seq_align_beg 
_struct_ref_seq.pdbx_seq_align_beg_ins_code 
_struct_ref_seq.seq_align_end 
_struct_ref_seq.pdbx_seq_align_end_ins_code 
_struct_ref_seq.pdbx_db_accession 
_struct_ref_seq.db_align_beg 
_struct_ref_seq.pdbx_db_align_beg_ins_code 
_struct_ref_seq.db_align_end 
_struct_ref_seq.pdbx_db_align_end_ins_code 
_struct_ref_seq.pdbx_auth_seq_align_beg 
_struct_ref_seq.pdbx_auth_seq_align_end 
1 1 1X8S A 3 ? 102 ? 18860099 156 ? 255 ? 156 255 
2 2 1X8S B 1 ? 12  ? 1X8S     29  ? 40  ? 29  40  
# 
loop_
_struct_ref_seq_dif.align_id 
_struct_ref_seq_dif.pdbx_pdb_id_code 
_struct_ref_seq_dif.mon_id 
_struct_ref_seq_dif.pdbx_pdb_strand_id 
_struct_ref_seq_dif.seq_num 
_struct_ref_seq_dif.pdbx_pdb_ins_code 
_struct_ref_seq_dif.pdbx_seq_db_name 
_struct_ref_seq_dif.pdbx_seq_db_accession_code 
_struct_ref_seq_dif.db_mon_id 
_struct_ref_seq_dif.pdbx_seq_db_seq_num 
_struct_ref_seq_dif.details 
_struct_ref_seq_dif.pdbx_auth_seq_num 
_struct_ref_seq_dif.pdbx_ordinal 
1 1X8S GLY A 1 ? GB 18860099 ? ? 'cloning artifact' 154 1 
1 1X8S SER A 2 ? GB 18860099 ? ? 'cloning artifact' 155 2 
# 
_pdbx_struct_assembly.id                   1 
_pdbx_struct_assembly.details              author_and_software_defined_assembly 
_pdbx_struct_assembly.method_details       PISA 
_pdbx_struct_assembly.oligomeric_details   dimeric 
_pdbx_struct_assembly.oligomeric_count     2 
# 
loop_
_pdbx_struct_assembly_prop.biol_id 
_pdbx_struct_assembly_prop.type 
_pdbx_struct_assembly_prop.value 
_pdbx_struct_assembly_prop.details 
1 'ABSA (A^2)' 1250 ? 
1 MORE         -9   ? 
1 'SSA (A^2)'  6240 ? 
# 
_pdbx_struct_assembly_gen.assembly_id       1 
_pdbx_struct_assembly_gen.oper_expression   1 
_pdbx_struct_assembly_gen.asym_id_list      A,B,C,D 
# 
_pdbx_struct_oper_list.id                   1 
_pdbx_struct_oper_list.type                 'identity operation' 
_pdbx_struct_oper_list.name                 1_555 
_pdbx_struct_oper_list.symmetry_operation   x,y,z 
_pdbx_struct_oper_list.matrix[1][1]         1.0000000000 
_pdbx_struct_oper_list.matrix[1][2]         0.0000000000 
_pdbx_struct_oper_list.matrix[1][3]         0.0000000000 
_pdbx_struct_oper_list.vector[1]            0.0000000000 
_pdbx_struct_oper_list.matrix[2][1]         0.0000000000 
_pdbx_struct_oper_list.matrix[2][2]         1.0000000000 
_pdbx_struct_oper_list.matrix[2][3]         0.0000000000 
_pdbx_struct_oper_list.vector[2]            0.0000000000 
_pdbx_struct_oper_list.matrix[3][1]         0.0000000000 
_pdbx_struct_oper_list.matrix[3][2]         0.0000000000 
_pdbx_struct_oper_list.matrix[3][3]         1.0000000000 
_pdbx_struct_oper_list.vector[3]            0.0000000000 
# 
_struct_biol.id                    1 
_struct_biol.pdbx_parent_biol_id   ? 
_struct_biol.details               ? 
# 
loop_
_struct_conf.conf_type_id 
_struct_conf.id 
_struct_conf.pdbx_PDB_helix_id 
_struct_conf.beg_label_comp_id 
_struct_conf.beg_label_asym_id 
_struct_conf.beg_label_seq_id 
_struct_conf.pdbx_beg_PDB_ins_code 
_struct_conf.end_label_comp_id 
_struct_conf.end_label_asym_id 
_struct_conf.end_label_seq_id 
_struct_conf.pdbx_end_PDB_ins_code 
_struct_conf.beg_auth_comp_id 
_struct_conf.beg_auth_asym_id 
_struct_conf.beg_auth_seq_id 
_struct_conf.end_auth_comp_id 
_struct_conf.end_auth_asym_id 
_struct_conf.end_auth_seq_id 
_struct_conf.pdbx_PDB_helix_class 
_struct_conf.details 
_struct_conf.pdbx_PDB_helix_length 
HELX_P HELX_P1 1 GLY A 51 ? GLY A 57 ? GLY A 204 GLY A 210 1 ? 7  
HELX_P HELX_P2 2 THR A 77 ? ASN A 88 ? THR A 230 ASN A 241 1 ? 12 
# 
_struct_conf_type.id          HELX_P 
_struct_conf_type.criteria    ? 
_struct_conf_type.reference   ? 
# 
loop_
_struct_sheet.id 
_struct_sheet.type 
_struct_sheet.number_strands 
_struct_sheet.details 
A ? 4 ? 
B ? 3 ? 
# 
loop_
_struct_sheet_order.sheet_id 
_struct_sheet_order.range_id_1 
_struct_sheet_order.range_id_2 
_struct_sheet_order.offset 
_struct_sheet_order.sense 
A 1 2 ? anti-parallel 
A 2 3 ? anti-parallel 
A 3 4 ? anti-parallel 
B 1 2 ? anti-parallel 
B 2 3 ? anti-parallel 
# 
loop_
_struct_sheet_range.sheet_id 
_struct_sheet_range.id 
_struct_sheet_range.beg_label_comp_id 
_struct_sheet_range.beg_label_asym_id 
_struct_sheet_range.beg_label_seq_id 
_struct_sheet_range.pdbx_beg_PDB_ins_code 
_struct_sheet_range.end_label_comp_id 
_struct_sheet_range.end_label_asym_id 
_struct_sheet_range.end_label_seq_id 
_struct_sheet_range.pdbx_end_PDB_ins_code 
_struct_sheet_range.beg_auth_comp_id 
_struct_sheet_range.beg_auth_asym_id 
_struct_sheet_range.beg_auth_seq_id 
_struct_sheet_range.end_auth_comp_id 
_struct_sheet_range.end_auth_asym_id 
_struct_sheet_range.end_auth_seq_id 
A 1 ARG A 6  ? LEU A 11 ? ARG A 159 LEU A 164 
A 2 ASN A 91 ? LYS A 97 ? ASN A 244 LYS A 250 
A 3 GLU A 64 ? VAL A 68 ? GLU A 217 VAL A 221 
A 4 ILE A 71 ? GLU A 72 ? ILE A 224 GLU A 225 
B 1 LEU A 36 ? LEU A 47 ? LEU A 189 LEU A 200 
B 2 PHE A 21 ? VAL A 31 ? PHE A 174 VAL A 184 
B 3 GLU B 6  ? VAL B 9  ? GLU B 34  VAL B 37  
# 
loop_
_pdbx_struct_sheet_hbond.sheet_id 
_pdbx_struct_sheet_hbond.range_id_1 
_pdbx_struct_sheet_hbond.range_id_2 
_pdbx_struct_sheet_hbond.range_1_label_atom_id 
_pdbx_struct_sheet_hbond.range_1_label_comp_id 
_pdbx_struct_sheet_hbond.range_1_label_asym_id 
_pdbx_struct_sheet_hbond.range_1_label_seq_id 
_pdbx_struct_sheet_hbond.range_1_PDB_ins_code 
_pdbx_struct_sheet_hbond.range_1_auth_atom_id 
_pdbx_struct_sheet_hbond.range_1_auth_comp_id 
_pdbx_struct_sheet_hbond.range_1_auth_asym_id 
_pdbx_struct_sheet_hbond.range_1_auth_seq_id 
_pdbx_struct_sheet_hbond.range_2_label_atom_id 
_pdbx_struct_sheet_hbond.range_2_label_comp_id 
_pdbx_struct_sheet_hbond.range_2_label_asym_id 
_pdbx_struct_sheet_hbond.range_2_label_seq_id 
_pdbx_struct_sheet_hbond.range_2_PDB_ins_code 
_pdbx_struct_sheet_hbond.range_2_auth_atom_id 
_pdbx_struct_sheet_hbond.range_2_auth_comp_id 
_pdbx_struct_sheet_hbond.range_2_auth_asym_id 
_pdbx_struct_sheet_hbond.range_2_auth_seq_id 
A 1 2 N VAL A 8  ? N VAL A 161 O ILE A 94 ? O ILE A 247 
A 2 3 O THR A 95 ? O THR A 248 N ILE A 66 ? N ILE A 219 
A 3 4 N VAL A 68 ? N VAL A 221 O ILE A 71 ? O ILE A 224 
B 1 2 O GLN A 39 ? O GLN A 192 N SER A 28 ? N SER A 181 
B 2 3 N ILE A 23 ? N ILE A 176 O MET B 7  ? O MET B 35  
# 
loop_
_pdbx_validate_torsion.id 
_pdbx_validate_torsion.PDB_model_num 
_pdbx_validate_torsion.auth_comp_id 
_pdbx_validate_torsion.auth_asym_id 
_pdbx_validate_torsion.auth_seq_id 
_pdbx_validate_torsion.PDB_ins_code 
_pdbx_validate_torsion.label_alt_id 
_pdbx_validate_torsion.phi 
_pdbx_validate_torsion.psi 
1 1 THR A 157 ? ? -141.36 42.52  
2 1 LEU A 163 ? ? -104.08 63.41  
3 1 HIS A 166 ? ? 51.78   71.50  
4 1 LYS A 170 ? ? -23.47  115.57 
5 1 ASP B 38  ? ? 46.77   83.03  
# 
loop_
_pdbx_refine_tls.id 
_pdbx_refine_tls.details 
_pdbx_refine_tls.method 
_pdbx_refine_tls.origin_x 
_pdbx_refine_tls.origin_y 
_pdbx_refine_tls.origin_z 
_pdbx_refine_tls.T[1][1] 
_pdbx_refine_tls.T[2][2] 
_pdbx_refine_tls.T[3][3] 
_pdbx_refine_tls.T[1][2] 
_pdbx_refine_tls.T[1][3] 
_pdbx_refine_tls.T[2][3] 
_pdbx_refine_tls.L[1][1] 
_pdbx_refine_tls.L[2][2] 
_pdbx_refine_tls.L[3][3] 
_pdbx_refine_tls.L[1][2] 
_pdbx_refine_tls.L[1][3] 
_pdbx_refine_tls.L[2][3] 
_pdbx_refine_tls.S[1][1] 
_pdbx_refine_tls.S[1][2] 
_pdbx_refine_tls.S[1][3] 
_pdbx_refine_tls.S[2][1] 
_pdbx_refine_tls.S[2][2] 
_pdbx_refine_tls.S[2][3] 
_pdbx_refine_tls.S[3][1] 
_pdbx_refine_tls.S[3][2] 
_pdbx_refine_tls.S[3][3] 
_pdbx_refine_tls.pdbx_refine_id 
1 ? refined -0.6581 -0.4706 0.7970  0.3945 0.3513 0.4300 0.0496 -0.0313 -0.0142 6.6739  7.0592  8.8147  -0.0775 0.9709  1.8257  -0.1534 0.1758 0.3955 -0.2920 -0.0473 0.7297 -0.5663 -0.9246 0.2007 'X-RAY DIFFRACTION' 
2 ? refined 6.4191  5.1382  -6.6780 0.6116 0.4557 0.5421 0.0184 0.1803  0.1753  19.5887 62.1988 45.8354 20.5998 18.8725 29.4487 -0.7632 1.4334 2.0128 -0.5646 -0.3816 0.6812 -1.8094 0.8855  1.1448 'X-RAY DIFFRACTION' 
# 
loop_
_pdbx_refine_tls_group.id 
_pdbx_refine_tls_group.refine_tls_id 
_pdbx_refine_tls_group.beg_label_asym_id 
_pdbx_refine_tls_group.beg_label_seq_id 
_pdbx_refine_tls_group.beg_auth_seq_id 
_pdbx_refine_tls_group.end_label_asym_id 
_pdbx_refine_tls_group.end_label_seq_id 
_pdbx_refine_tls_group.end_auth_seq_id 
_pdbx_refine_tls_group.selection 
_pdbx_refine_tls_group.beg_auth_asym_id 
_pdbx_refine_tls_group.end_auth_asym_id 
_pdbx_refine_tls_group.pdbx_refine_id 
_pdbx_refine_tls_group.selection_details 
1 1 A 3 156 A 100 253 ? A A 'X-RAY DIFFRACTION' ? 
2 2 B 4 32  B 12  40  ? B B 'X-RAY DIFFRACTION' ? 
# 
loop_
_pdbx_unobs_or_zero_occ_residues.id 
_pdbx_unobs_or_zero_occ_residues.PDB_model_num 
_pdbx_unobs_or_zero_occ_residues.polymer_flag 
_pdbx_unobs_or_zero_occ_residues.occupancy_flag 
_pdbx_unobs_or_zero_occ_residues.auth_asym_id 
_pdbx_unobs_or_zero_occ_residues.auth_comp_id 
_pdbx_unobs_or_zero_occ_residues.auth_seq_id 
_pdbx_unobs_or_zero_occ_residues.PDB_ins_code 
_pdbx_unobs_or_zero_occ_residues.label_asym_id 
_pdbx_unobs_or_zero_occ_residues.label_comp_id 
_pdbx_unobs_or_zero_occ_residues.label_seq_id 
1 1 Y 1 A GLY 154 ? A GLY 1   
2 1 Y 1 A SER 155 ? A SER 2   
3 1 Y 1 A GLN 254 ? A GLN 101 
4 1 Y 1 A ARG 255 ? A ARG 102 
5 1 Y 1 B TYR 29  ? B TYR 1   
6 1 Y 1 B PRO 30  ? B PRO 2   
7 1 Y 1 B LYS 31  ? B LYS 3   
# 
loop_
_chem_comp_atom.comp_id 
_chem_comp_atom.atom_id 
_chem_comp_atom.type_symbol 
_chem_comp_atom.pdbx_aromatic_flag 
_chem_comp_atom.pdbx_stereo_config 
_chem_comp_atom.pdbx_ordinal 
ALA N    N N N 1   
ALA CA   C N S 2   
ALA C    C N N 3   
ALA O    O N N 4   
ALA CB   C N N 5   
ALA OXT  O N N 6   
ALA H    H N N 7   
ALA H2   H N N 8   
ALA HA   H N N 9   
ALA HB1  H N N 10  
ALA HB2  H N N 11  
ALA HB3  H N N 12  
ALA HXT  H N N 13  
ARG N    N N N 14  
ARG CA   C N S 15  
ARG C    C N N 16  
ARG O    O N N 17  
ARG CB   C N N 18  
ARG CG   C N N 19  
ARG CD   C N N 20  
ARG NE   N N N 21  
ARG CZ   C N N 22  
ARG NH1  N N N 23  
ARG NH2  N N N 24  
ARG OXT  O N N 25  
ARG H    H N N 26  
ARG H2   H N N 27  
ARG HA   H N N 28  
ARG HB2  H N N 29  
ARG HB3  H N N 30  
ARG HG2  H N N 31  
ARG HG3  H N N 32  
ARG HD2  H N N 33  
ARG HD3  H N N 34  
ARG HE   H N N 35  
ARG HH11 H N N 36  
ARG HH12 H N N 37  
ARG HH21 H N N 38  
ARG HH22 H N N 39  
ARG HXT  H N N 40  
ASN N    N N N 41  
ASN CA   C N S 42  
ASN C    C N N 43  
ASN O    O N N 44  
ASN CB   C N N 45  
ASN CG   C N N 46  
ASN OD1  O N N 47  
ASN ND2  N N N 48  
ASN OXT  O N N 49  
ASN H    H N N 50  
ASN H2   H N N 51  
ASN HA   H N N 52  
ASN HB2  H N N 53  
ASN HB3  H N N 54  
ASN HD21 H N N 55  
ASN HD22 H N N 56  
ASN HXT  H N N 57  
ASP N    N N N 58  
ASP CA   C N S 59  
ASP C    C N N 60  
ASP O    O N N 61  
ASP CB   C N N 62  
ASP CG   C N N 63  
ASP OD1  O N N 64  
ASP OD2  O N N 65  
ASP OXT  O N N 66  
ASP H    H N N 67  
ASP H2   H N N 68  
ASP HA   H N N 69  
ASP HB2  H N N 70  
ASP HB3  H N N 71  
ASP HD2  H N N 72  
ASP HXT  H N N 73  
CYS N    N N N 74  
CYS CA   C N R 75  
CYS C    C N N 76  
CYS O    O N N 77  
CYS CB   C N N 78  
CYS SG   S N N 79  
CYS OXT  O N N 80  
CYS H    H N N 81  
CYS H2   H N N 82  
CYS HA   H N N 83  
CYS HB2  H N N 84  
CYS HB3  H N N 85  
CYS HG   H N N 86  
CYS HXT  H N N 87  
GLN N    N N N 88  
GLN CA   C N S 89  
GLN C    C N N 90  
GLN O    O N N 91  
GLN CB   C N N 92  
GLN CG   C N N 93  
GLN CD   C N N 94  
GLN OE1  O N N 95  
GLN NE2  N N N 96  
GLN OXT  O N N 97  
GLN H    H N N 98  
GLN H2   H N N 99  
GLN HA   H N N 100 
GLN HB2  H N N 101 
GLN HB3  H N N 102 
GLN HG2  H N N 103 
GLN HG3  H N N 104 
GLN HE21 H N N 105 
GLN HE22 H N N 106 
GLN HXT  H N N 107 
GLU N    N N N 108 
GLU CA   C N S 109 
GLU C    C N N 110 
GLU O    O N N 111 
GLU CB   C N N 112 
GLU CG   C N N 113 
GLU CD   C N N 114 
GLU OE1  O N N 115 
GLU OE2  O N N 116 
GLU OXT  O N N 117 
GLU H    H N N 118 
GLU H2   H N N 119 
GLU HA   H N N 120 
GLU HB2  H N N 121 
GLU HB3  H N N 122 
GLU HG2  H N N 123 
GLU HG3  H N N 124 
GLU HE2  H N N 125 
GLU HXT  H N N 126 
GLY N    N N N 127 
GLY CA   C N N 128 
GLY C    C N N 129 
GLY O    O N N 130 
GLY OXT  O N N 131 
GLY H    H N N 132 
GLY H2   H N N 133 
GLY HA2  H N N 134 
GLY HA3  H N N 135 
GLY HXT  H N N 136 
HIS N    N N N 137 
HIS CA   C N S 138 
HIS C    C N N 139 
HIS O    O N N 140 
HIS CB   C N N 141 
HIS CG   C Y N 142 
HIS ND1  N Y N 143 
HIS CD2  C Y N 144 
HIS CE1  C Y N 145 
HIS NE2  N Y N 146 
HIS OXT  O N N 147 
HIS H    H N N 148 
HIS H2   H N N 149 
HIS HA   H N N 150 
HIS HB2  H N N 151 
HIS HB3  H N N 152 
HIS HD1  H N N 153 
HIS HD2  H N N 154 
HIS HE1  H N N 155 
HIS HE2  H N N 156 
HIS HXT  H N N 157 
HOH O    O N N 158 
HOH H1   H N N 159 
HOH H2   H N N 160 
ILE N    N N N 161 
ILE CA   C N S 162 
ILE C    C N N 163 
ILE O    O N N 164 
ILE CB   C N S 165 
ILE CG1  C N N 166 
ILE CG2  C N N 167 
ILE CD1  C N N 168 
ILE OXT  O N N 169 
ILE H    H N N 170 
ILE H2   H N N 171 
ILE HA   H N N 172 
ILE HB   H N N 173 
ILE HG12 H N N 174 
ILE HG13 H N N 175 
ILE HG21 H N N 176 
ILE HG22 H N N 177 
ILE HG23 H N N 178 
ILE HD11 H N N 179 
ILE HD12 H N N 180 
ILE HD13 H N N 181 
ILE HXT  H N N 182 
LEU N    N N N 183 
LEU CA   C N S 184 
LEU C    C N N 185 
LEU O    O N N 186 
LEU CB   C N N 187 
LEU CG   C N N 188 
LEU CD1  C N N 189 
LEU CD2  C N N 190 
LEU OXT  O N N 191 
LEU H    H N N 192 
LEU H2   H N N 193 
LEU HA   H N N 194 
LEU HB2  H N N 195 
LEU HB3  H N N 196 
LEU HG   H N N 197 
LEU HD11 H N N 198 
LEU HD12 H N N 199 
LEU HD13 H N N 200 
LEU HD21 H N N 201 
LEU HD22 H N N 202 
LEU HD23 H N N 203 
LEU HXT  H N N 204 
LYS N    N N N 205 
LYS CA   C N S 206 
LYS C    C N N 207 
LYS O    O N N 208 
LYS CB   C N N 209 
LYS CG   C N N 210 
LYS CD   C N N 211 
LYS CE   C N N 212 
LYS NZ   N N N 213 
LYS OXT  O N N 214 
LYS H    H N N 215 
LYS H2   H N N 216 
LYS HA   H N N 217 
LYS HB2  H N N 218 
LYS HB3  H N N 219 
LYS HG2  H N N 220 
LYS HG3  H N N 221 
LYS HD2  H N N 222 
LYS HD3  H N N 223 
LYS HE2  H N N 224 
LYS HE3  H N N 225 
LYS HZ1  H N N 226 
LYS HZ2  H N N 227 
LYS HZ3  H N N 228 
LYS HXT  H N N 229 
MET N    N N N 230 
MET CA   C N S 231 
MET C    C N N 232 
MET O    O N N 233 
MET CB   C N N 234 
MET CG   C N N 235 
MET SD   S N N 236 
MET CE   C N N 237 
MET OXT  O N N 238 
MET H    H N N 239 
MET H2   H N N 240 
MET HA   H N N 241 
MET HB2  H N N 242 
MET HB3  H N N 243 
MET HG2  H N N 244 
MET HG3  H N N 245 
MET HE1  H N N 246 
MET HE2  H N N 247 
MET HE3  H N N 248 
MET HXT  H N N 249 
PHE N    N N N 250 
PHE CA   C N S 251 
PHE C    C N N 252 
PHE O    O N N 253 
PHE CB   C N N 254 
PHE CG   C Y N 255 
PHE CD1  C Y N 256 
PHE CD2  C Y N 257 
PHE CE1  C Y N 258 
PHE CE2  C Y N 259 
PHE CZ   C Y N 260 
PHE OXT  O N N 261 
PHE H    H N N 262 
PHE H2   H N N 263 
PHE HA   H N N 264 
PHE HB2  H N N 265 
PHE HB3  H N N 266 
PHE HD1  H N N 267 
PHE HD2  H N N 268 
PHE HE1  H N N 269 
PHE HE2  H N N 270 
PHE HZ   H N N 271 
PHE HXT  H N N 272 
PRO N    N N N 273 
PRO CA   C N S 274 
PRO C    C N N 275 
PRO O    O N N 276 
PRO CB   C N N 277 
PRO CG   C N N 278 
PRO CD   C N N 279 
PRO OXT  O N N 280 
PRO H    H N N 281 
PRO HA   H N N 282 
PRO HB2  H N N 283 
PRO HB3  H N N 284 
PRO HG2  H N N 285 
PRO HG3  H N N 286 
PRO HD2  H N N 287 
PRO HD3  H N N 288 
PRO HXT  H N N 289 
SER N    N N N 290 
SER CA   C N S 291 
SER C    C N N 292 
SER O    O N N 293 
SER CB   C N N 294 
SER OG   O N N 295 
SER OXT  O N N 296 
SER H    H N N 297 
SER H2   H N N 298 
SER HA   H N N 299 
SER HB2  H N N 300 
SER HB3  H N N 301 
SER HG   H N N 302 
SER HXT  H N N 303 
THR N    N N N 304 
THR CA   C N S 305 
THR C    C N N 306 
THR O    O N N 307 
THR CB   C N R 308 
THR OG1  O N N 309 
THR CG2  C N N 310 
THR OXT  O N N 311 
THR H    H N N 312 
THR H2   H N N 313 
THR HA   H N N 314 
THR HB   H N N 315 
THR HG1  H N N 316 
THR HG21 H N N 317 
THR HG22 H N N 318 
THR HG23 H N N 319 
THR HXT  H N N 320 
TYR N    N N N 321 
TYR CA   C N S 322 
TYR C    C N N 323 
TYR O    O N N 324 
TYR CB   C N N 325 
TYR CG   C Y N 326 
TYR CD1  C Y N 327 
TYR CD2  C Y N 328 
TYR CE1  C Y N 329 
TYR CE2  C Y N 330 
TYR CZ   C Y N 331 
TYR OH   O N N 332 
TYR OXT  O N N 333 
TYR H    H N N 334 
TYR H2   H N N 335 
TYR HA   H N N 336 
TYR HB2  H N N 337 
TYR HB3  H N N 338 
TYR HD1  H N N 339 
TYR HD2  H N N 340 
TYR HE1  H N N 341 
TYR HE2  H N N 342 
TYR HH   H N N 343 
TYR HXT  H N N 344 
VAL N    N N N 345 
VAL CA   C N S 346 
VAL C    C N N 347 
VAL O    O N N 348 
VAL CB   C N N 349 
VAL CG1  C N N 350 
VAL CG2  C N N 351 
VAL OXT  O N N 352 
VAL H    H N N 353 
VAL H2   H N N 354 
VAL HA   H N N 355 
VAL HB   H N N 356 
VAL HG11 H N N 357 
VAL HG12 H N N 358 
VAL HG13 H N N 359 
VAL HG21 H N N 360 
VAL HG22 H N N 361 
VAL HG23 H N N 362 
VAL HXT  H N N 363 
# 
loop_
_chem_comp_bond.comp_id 
_chem_comp_bond.atom_id_1 
_chem_comp_bond.atom_id_2 
_chem_comp_bond.value_order 
_chem_comp_bond.pdbx_aromatic_flag 
_chem_comp_bond.pdbx_stereo_config 
_chem_comp_bond.pdbx_ordinal 
ALA N   CA   sing N N 1   
ALA N   H    sing N N 2   
ALA N   H2   sing N N 3   
ALA CA  C    sing N N 4   
ALA CA  CB   sing N N 5   
ALA CA  HA   sing N N 6   
ALA C   O    doub N N 7   
ALA C   OXT  sing N N 8   
ALA CB  HB1  sing N N 9   
ALA CB  HB2  sing N N 10  
ALA CB  HB3  sing N N 11  
ALA OXT HXT  sing N N 12  
ARG N   CA   sing N N 13  
ARG N   H    sing N N 14  
ARG N   H2   sing N N 15  
ARG CA  C    sing N N 16  
ARG CA  CB   sing N N 17  
ARG CA  HA   sing N N 18  
ARG C   O    doub N N 19  
ARG C   OXT  sing N N 20  
ARG CB  CG   sing N N 21  
ARG CB  HB2  sing N N 22  
ARG CB  HB3  sing N N 23  
ARG CG  CD   sing N N 24  
ARG CG  HG2  sing N N 25  
ARG CG  HG3  sing N N 26  
ARG CD  NE   sing N N 27  
ARG CD  HD2  sing N N 28  
ARG CD  HD3  sing N N 29  
ARG NE  CZ   sing N N 30  
ARG NE  HE   sing N N 31  
ARG CZ  NH1  sing N N 32  
ARG CZ  NH2  doub N N 33  
ARG NH1 HH11 sing N N 34  
ARG NH1 HH12 sing N N 35  
ARG NH2 HH21 sing N N 36  
ARG NH2 HH22 sing N N 37  
ARG OXT HXT  sing N N 38  
ASN N   CA   sing N N 39  
ASN N   H    sing N N 40  
ASN N   H2   sing N N 41  
ASN CA  C    sing N N 42  
ASN CA  CB   sing N N 43  
ASN CA  HA   sing N N 44  
ASN C   O    doub N N 45  
ASN C   OXT  sing N N 46  
ASN CB  CG   sing N N 47  
ASN CB  HB2  sing N N 48  
ASN CB  HB3  sing N N 49  
ASN CG  OD1  doub N N 50  
ASN CG  ND2  sing N N 51  
ASN ND2 HD21 sing N N 52  
ASN ND2 HD22 sing N N 53  
ASN OXT HXT  sing N N 54  
ASP N   CA   sing N N 55  
ASP N   H    sing N N 56  
ASP N   H2   sing N N 57  
ASP CA  C    sing N N 58  
ASP CA  CB   sing N N 59  
ASP CA  HA   sing N N 60  
ASP C   O    doub N N 61  
ASP C   OXT  sing N N 62  
ASP CB  CG   sing N N 63  
ASP CB  HB2  sing N N 64  
ASP CB  HB3  sing N N 65  
ASP CG  OD1  doub N N 66  
ASP CG  OD2  sing N N 67  
ASP OD2 HD2  sing N N 68  
ASP OXT HXT  sing N N 69  
CYS N   CA   sing N N 70  
CYS N   H    sing N N 71  
CYS N   H2   sing N N 72  
CYS CA  C    sing N N 73  
CYS CA  CB   sing N N 74  
CYS CA  HA   sing N N 75  
CYS C   O    doub N N 76  
CYS C   OXT  sing N N 77  
CYS CB  SG   sing N N 78  
CYS CB  HB2  sing N N 79  
CYS CB  HB3  sing N N 80  
CYS SG  HG   sing N N 81  
CYS OXT HXT  sing N N 82  
GLN N   CA   sing N N 83  
GLN N   H    sing N N 84  
GLN N   H2   sing N N 85  
GLN CA  C    sing N N 86  
GLN CA  CB   sing N N 87  
GLN CA  HA   sing N N 88  
GLN C   O    doub N N 89  
GLN C   OXT  sing N N 90  
GLN CB  CG   sing N N 91  
GLN CB  HB2  sing N N 92  
GLN CB  HB3  sing N N 93  
GLN CG  CD   sing N N 94  
GLN CG  HG2  sing N N 95  
GLN CG  HG3  sing N N 96  
GLN CD  OE1  doub N N 97  
GLN CD  NE2  sing N N 98  
GLN NE2 HE21 sing N N 99  
GLN NE2 HE22 sing N N 100 
GLN OXT HXT  sing N N 101 
GLU N   CA   sing N N 102 
GLU N   H    sing N N 103 
GLU N   H2   sing N N 104 
GLU CA  C    sing N N 105 
GLU CA  CB   sing N N 106 
GLU CA  HA   sing N N 107 
GLU C   O    doub N N 108 
GLU C   OXT  sing N N 109 
GLU CB  CG   sing N N 110 
GLU CB  HB2  sing N N 111 
GLU CB  HB3  sing N N 112 
GLU CG  CD   sing N N 113 
GLU CG  HG2  sing N N 114 
GLU CG  HG3  sing N N 115 
GLU CD  OE1  doub N N 116 
GLU CD  OE2  sing N N 117 
GLU OE2 HE2  sing N N 118 
GLU OXT HXT  sing N N 119 
GLY N   CA   sing N N 120 
GLY N   H    sing N N 121 
GLY N   H2   sing N N 122 
GLY CA  C    sing N N 123 
GLY CA  HA2  sing N N 124 
GLY CA  HA3  sing N N 125 
GLY C   O    doub N N 126 
GLY C   OXT  sing N N 127 
GLY OXT HXT  sing N N 128 
HIS N   CA   sing N N 129 
HIS N   H    sing N N 130 
HIS N   H2   sing N N 131 
HIS CA  C    sing N N 132 
HIS CA  CB   sing N N 133 
HIS CA  HA   sing N N 134 
HIS C   O    doub N N 135 
HIS C   OXT  sing N N 136 
HIS CB  CG   sing N N 137 
HIS CB  HB2  sing N N 138 
HIS CB  HB3  sing N N 139 
HIS CG  ND1  sing Y N 140 
HIS CG  CD2  doub Y N 141 
HIS ND1 CE1  doub Y N 142 
HIS ND1 HD1  sing N N 143 
HIS CD2 NE2  sing Y N 144 
HIS CD2 HD2  sing N N 145 
HIS CE1 NE2  sing Y N 146 
HIS CE1 HE1  sing N N 147 
HIS NE2 HE2  sing N N 148 
HIS OXT HXT  sing N N 149 
HOH O   H1   sing N N 150 
HOH O   H2   sing N N 151 
ILE N   CA   sing N N 152 
ILE N   H    sing N N 153 
ILE N   H2   sing N N 154 
ILE CA  C    sing N N 155 
ILE CA  CB   sing N N 156 
ILE CA  HA   sing N N 157 
ILE C   O    doub N N 158 
ILE C   OXT  sing N N 159 
ILE CB  CG1  sing N N 160 
ILE CB  CG2  sing N N 161 
ILE CB  HB   sing N N 162 
ILE CG1 CD1  sing N N 163 
ILE CG1 HG12 sing N N 164 
ILE CG1 HG13 sing N N 165 
ILE CG2 HG21 sing N N 166 
ILE CG2 HG22 sing N N 167 
ILE CG2 HG23 sing N N 168 
ILE CD1 HD11 sing N N 169 
ILE CD1 HD12 sing N N 170 
ILE CD1 HD13 sing N N 171 
ILE OXT HXT  sing N N 172 
LEU N   CA   sing N N 173 
LEU N   H    sing N N 174 
LEU N   H2   sing N N 175 
LEU CA  C    sing N N 176 
LEU CA  CB   sing N N 177 
LEU CA  HA   sing N N 178 
LEU C   O    doub N N 179 
LEU C   OXT  sing N N 180 
LEU CB  CG   sing N N 181 
LEU CB  HB2  sing N N 182 
LEU CB  HB3  sing N N 183 
LEU CG  CD1  sing N N 184 
LEU CG  CD2  sing N N 185 
LEU CG  HG   sing N N 186 
LEU CD1 HD11 sing N N 187 
LEU CD1 HD12 sing N N 188 
LEU CD1 HD13 sing N N 189 
LEU CD2 HD21 sing N N 190 
LEU CD2 HD22 sing N N 191 
LEU CD2 HD23 sing N N 192 
LEU OXT HXT  sing N N 193 
LYS N   CA   sing N N 194 
LYS N   H    sing N N 195 
LYS N   H2   sing N N 196 
LYS CA  C    sing N N 197 
LYS CA  CB   sing N N 198 
LYS CA  HA   sing N N 199 
LYS C   O    doub N N 200 
LYS C   OXT  sing N N 201 
LYS CB  CG   sing N N 202 
LYS CB  HB2  sing N N 203 
LYS CB  HB3  sing N N 204 
LYS CG  CD   sing N N 205 
LYS CG  HG2  sing N N 206 
LYS CG  HG3  sing N N 207 
LYS CD  CE   sing N N 208 
LYS CD  HD2  sing N N 209 
LYS CD  HD3  sing N N 210 
LYS CE  NZ   sing N N 211 
LYS CE  HE2  sing N N 212 
LYS CE  HE3  sing N N 213 
LYS NZ  HZ1  sing N N 214 
LYS NZ  HZ2  sing N N 215 
LYS NZ  HZ3  sing N N 216 
LYS OXT HXT  sing N N 217 
MET N   CA   sing N N 218 
MET N   H    sing N N 219 
MET N   H2   sing N N 220 
MET CA  C    sing N N 221 
MET CA  CB   sing N N 222 
MET CA  HA   sing N N 223 
MET C   O    doub N N 224 
MET C   OXT  sing N N 225 
MET CB  CG   sing N N 226 
MET CB  HB2  sing N N 227 
MET CB  HB3  sing N N 228 
MET CG  SD   sing N N 229 
MET CG  HG2  sing N N 230 
MET CG  HG3  sing N N 231 
MET SD  CE   sing N N 232 
MET CE  HE1  sing N N 233 
MET CE  HE2  sing N N 234 
MET CE  HE3  sing N N 235 
MET OXT HXT  sing N N 236 
PHE N   CA   sing N N 237 
PHE N   H    sing N N 238 
PHE N   H2   sing N N 239 
PHE CA  C    sing N N 240 
PHE CA  CB   sing N N 241 
PHE CA  HA   sing N N 242 
PHE C   O    doub N N 243 
PHE C   OXT  sing N N 244 
PHE CB  CG   sing N N 245 
PHE CB  HB2  sing N N 246 
PHE CB  HB3  sing N N 247 
PHE CG  CD1  doub Y N 248 
PHE CG  CD2  sing Y N 249 
PHE CD1 CE1  sing Y N 250 
PHE CD1 HD1  sing N N 251 
PHE CD2 CE2  doub Y N 252 
PHE CD2 HD2  sing N N 253 
PHE CE1 CZ   doub Y N 254 
PHE CE1 HE1  sing N N 255 
PHE CE2 CZ   sing Y N 256 
PHE CE2 HE2  sing N N 257 
PHE CZ  HZ   sing N N 258 
PHE OXT HXT  sing N N 259 
PRO N   CA   sing N N 260 
PRO N   CD   sing N N 261 
PRO N   H    sing N N 262 
PRO CA  C    sing N N 263 
PRO CA  CB   sing N N 264 
PRO CA  HA   sing N N 265 
PRO C   O    doub N N 266 
PRO C   OXT  sing N N 267 
PRO CB  CG   sing N N 268 
PRO CB  HB2  sing N N 269 
PRO CB  HB3  sing N N 270 
PRO CG  CD   sing N N 271 
PRO CG  HG2  sing N N 272 
PRO CG  HG3  sing N N 273 
PRO CD  HD2  sing N N 274 
PRO CD  HD3  sing N N 275 
PRO OXT HXT  sing N N 276 
SER N   CA   sing N N 277 
SER N   H    sing N N 278 
SER N   H2   sing N N 279 
SER CA  C    sing N N 280 
SER CA  CB   sing N N 281 
SER CA  HA   sing N N 282 
SER C   O    doub N N 283 
SER C   OXT  sing N N 284 
SER CB  OG   sing N N 285 
SER CB  HB2  sing N N 286 
SER CB  HB3  sing N N 287 
SER OG  HG   sing N N 288 
SER OXT HXT  sing N N 289 
THR N   CA   sing N N 290 
THR N   H    sing N N 291 
THR N   H2   sing N N 292 
THR CA  C    sing N N 293 
THR CA  CB   sing N N 294 
THR CA  HA   sing N N 295 
THR C   O    doub N N 296 
THR C   OXT  sing N N 297 
THR CB  OG1  sing N N 298 
THR CB  CG2  sing N N 299 
THR CB  HB   sing N N 300 
THR OG1 HG1  sing N N 301 
THR CG2 HG21 sing N N 302 
THR CG2 HG22 sing N N 303 
THR CG2 HG23 sing N N 304 
THR OXT HXT  sing N N 305 
TYR N   CA   sing N N 306 
TYR N   H    sing N N 307 
TYR N   H2   sing N N 308 
TYR CA  C    sing N N 309 
TYR CA  CB   sing N N 310 
TYR CA  HA   sing N N 311 
TYR C   O    doub N N 312 
TYR C   OXT  sing N N 313 
TYR CB  CG   sing N N 314 
TYR CB  HB2  sing N N 315 
TYR CB  HB3  sing N N 316 
TYR CG  CD1  doub Y N 317 
TYR CG  CD2  sing Y N 318 
TYR CD1 CE1  sing Y N 319 
TYR CD1 HD1  sing N N 320 
TYR CD2 CE2  doub Y N 321 
TYR CD2 HD2  sing N N 322 
TYR CE1 CZ   doub Y N 323 
TYR CE1 HE1  sing N N 324 
TYR CE2 CZ   sing Y N 325 
TYR CE2 HE2  sing N N 326 
TYR CZ  OH   sing N N 327 
TYR OH  HH   sing N N 328 
TYR OXT HXT  sing N N 329 
VAL N   CA   sing N N 330 
VAL N   H    sing N N 331 
VAL N   H2   sing N N 332 
VAL CA  C    sing N N 333 
VAL CA  CB   sing N N 334 
VAL CA  HA   sing N N 335 
VAL C   O    doub N N 336 
VAL C   OXT  sing N N 337 
VAL CB  CG1  sing N N 338 
VAL CB  CG2  sing N N 339 
VAL CB  HB   sing N N 340 
VAL CG1 HG11 sing N N 341 
VAL CG1 HG12 sing N N 342 
VAL CG1 HG13 sing N N 343 
VAL CG2 HG21 sing N N 344 
VAL CG2 HG22 sing N N 345 
VAL CG2 HG23 sing N N 346 
VAL OXT HXT  sing N N 347 
# 
_atom_sites.entry_id                    1X8S 
_atom_sites.fract_transf_matrix[1][1]   -0.00881599 
_atom_sites.fract_transf_matrix[1][2]   -0.01463311 
_atom_sites.fract_transf_matrix[1][3]   0.00654117 
_atom_sites.fract_transf_matrix[2][1]   0.00909226 
_atom_sites.fract_transf_matrix[2][2]   -0.01559906 
_atom_sites.fract_transf_matrix[2][3]   0.00293839 
_atom_sites.fract_transf_matrix[3][1]   0.00205209 
_atom_sites.fract_transf_matrix[3][2]   0.00296766 
_atom_sites.fract_transf_matrix[3][3]   0.00940464 
_atom_sites.fract_transf_vector[1]      0.214280 
_atom_sites.fract_transf_vector[2]      0.392942 
_atom_sites.fract_transf_vector[3]      -0.034808 
# 
loop_
_atom_type.symbol 
C 
N 
O 
S 
# 
loop_
_atom_site.group_PDB 
_atom_site.id 
_atom_site.type_symbol 
_atom_site.label_atom_id 
_atom_site.label_alt_id 
_atom_site.label_comp_id 
_atom_site.label_asym_id 
_atom_site.label_entity_id 
_atom_site.label_seq_id 
_atom_site.pdbx_PDB_ins_code 
_atom_site.Cartn_x 
_atom_site.Cartn_y 
_atom_site.Cartn_z 
_atom_site.occupancy 
_atom_site.B_iso_or_equiv 
_atom_site.pdbx_formal_charge 
_atom_site.auth_seq_id 
_atom_site.auth_comp_id 
_atom_site.auth_asym_id 
_atom_site.auth_atom_id 
_atom_site.pdbx_PDB_model_num 
ATOM   1   N N   . GLU A 1 3   ? -8.428  -4.866  12.290  1.00 45.03 ? 156 GLU A N   1 
ATOM   2   C CA  . GLU A 1 3   ? -8.832  -3.881  13.338  1.00 44.95 ? 156 GLU A CA  1 
ATOM   3   C C   . GLU A 1 3   ? -10.037 -3.063  12.829  1.00 44.90 ? 156 GLU A C   1 
ATOM   4   O O   . GLU A 1 3   ? -11.162 -3.251  13.305  1.00 44.90 ? 156 GLU A O   1 
ATOM   5   C CB  . GLU A 1 3   ? -7.622  -3.011  13.724  1.00 45.01 ? 156 GLU A CB  1 
ATOM   6   C CG  . GLU A 1 3   ? -7.744  -2.293  15.069  1.00 45.13 ? 156 GLU A CG  1 
ATOM   7   C CD  . GLU A 1 3   ? -8.239  -0.862  14.946  1.00 45.38 ? 156 GLU A CD  1 
ATOM   8   O OE1 . GLU A 1 3   ? -9.034  -0.434  15.817  1.00 45.22 ? 156 GLU A OE1 1 
ATOM   9   O OE2 . GLU A 1 3   ? -7.829  -0.169  13.984  1.00 45.16 ? 156 GLU A OE2 1 
ATOM   10  N N   . THR A 1 4   ? -9.796  -2.166  11.870  1.00 44.78 ? 157 THR A N   1 
ATOM   11  C CA  . THR A 1 4   ? -10.855 -1.602  11.012  1.00 44.55 ? 157 THR A CA  1 
ATOM   12  C C   . THR A 1 4   ? -10.285 -1.468  9.593   1.00 44.38 ? 157 THR A C   1 
ATOM   13  O O   . THR A 1 4   ? -10.502 -0.463  8.904   1.00 44.40 ? 157 THR A O   1 
ATOM   14  C CB  . THR A 1 4   ? -11.361 -0.219  11.498  1.00 44.58 ? 157 THR A CB  1 
ATOM   15  O OG1 . THR A 1 4   ? -10.276 0.720   11.516  1.00 44.67 ? 157 THR A OG1 1 
ATOM   16  C CG2 . THR A 1 4   ? -11.991 -0.317  12.888  1.00 44.69 ? 157 THR A CG2 1 
ATOM   17  N N   . HIS A 1 5   ? -9.558  -2.503  9.174   1.00 43.98 ? 158 HIS A N   1 
ATOM   18  C CA  . HIS A 1 5   ? -8.769  -2.474  7.952   1.00 43.66 ? 158 HIS A CA  1 
ATOM   19  C C   . HIS A 1 5   ? -9.395  -3.334  6.857   1.00 43.42 ? 158 HIS A C   1 
ATOM   20  O O   . HIS A 1 5   ? -10.242 -4.187  7.130   1.00 43.41 ? 158 HIS A O   1 
ATOM   21  C CB  . HIS A 1 5   ? -7.348  -2.958  8.244   1.00 43.63 ? 158 HIS A CB  1 
ATOM   22  C CG  . HIS A 1 5   ? -6.671  -2.210  9.350   1.00 43.58 ? 158 HIS A CG  1 
ATOM   23  N ND1 . HIS A 1 5   ? -5.719  -2.785  10.165  1.00 43.56 ? 158 HIS A ND1 1 
ATOM   24  C CD2 . HIS A 1 5   ? -6.818  -0.936  9.786   1.00 43.64 ? 158 HIS A CD2 1 
ATOM   25  C CE1 . HIS A 1 5   ? -5.302  -1.894  11.046  1.00 43.61 ? 158 HIS A CE1 1 
ATOM   26  N NE2 . HIS A 1 5   ? -5.953  -0.764  10.838  1.00 43.61 ? 158 HIS A NE2 1 
ATOM   27  N N   . ARG A 1 6   ? -8.964  -3.092  5.619   1.00 43.10 ? 159 ARG A N   1 
ATOM   28  C CA  . ARG A 1 6   ? -9.459  -3.815  4.452   1.00 42.85 ? 159 ARG A CA  1 
ATOM   29  C C   . ARG A 1 6   ? -8.326  -4.605  3.805   1.00 42.35 ? 159 ARG A C   1 
ATOM   30  O O   . ARG A 1 6   ? -7.298  -4.043  3.429   1.00 42.14 ? 159 ARG A O   1 
ATOM   31  C CB  . ARG A 1 6   ? -10.059 -2.839  3.433   1.00 42.89 ? 159 ARG A CB  1 
ATOM   32  C CG  . ARG A 1 6   ? -10.991 -3.492  2.417   1.00 43.22 ? 159 ARG A CG  1 
ATOM   33  C CD  . ARG A 1 6   ? -11.259 -2.584  1.215   1.00 43.55 ? 159 ARG A CD  1 
ATOM   34  N NE  . ARG A 1 6   ? -11.904 -1.320  1.581   1.00 44.11 ? 159 ARG A NE  1 
ATOM   35  C CZ  . ARG A 1 6   ? -13.202 -1.169  1.861   1.00 44.54 ? 159 ARG A CZ  1 
ATOM   36  N NH1 . ARG A 1 6   ? -14.041 -2.206  1.839   1.00 44.64 ? 159 ARG A NH1 1 
ATOM   37  N NH2 . ARG A 1 6   ? -13.670 0.037   2.176   1.00 44.68 ? 159 ARG A NH2 1 
ATOM   38  N N   . ARG A 1 7   ? -8.526  -5.912  3.685   1.00 41.97 ? 160 ARG A N   1 
ATOM   39  C CA  . ARG A 1 7   ? -7.570  -6.795  3.032   1.00 41.74 ? 160 ARG A CA  1 
ATOM   40  C C   . ARG A 1 7   ? -7.900  -6.831  1.544   1.00 41.31 ? 160 ARG A C   1 
ATOM   41  O O   . ARG A 1 7   ? -8.903  -7.418  1.141   1.00 41.33 ? 160 ARG A O   1 
ATOM   42  C CB  . ARG A 1 7   ? -7.647  -8.194  3.653   1.00 41.76 ? 160 ARG A CB  1 
ATOM   43  C CG  . ARG A 1 7   ? -6.555  -9.164  3.223   1.00 41.98 ? 160 ARG A CG  1 
ATOM   44  C CD  . ARG A 1 7   ? -6.390  -10.316 4.232   1.00 42.26 ? 160 ARG A CD  1 
ATOM   45  N NE  . ARG A 1 7   ? -5.450  -9.988  5.320   1.00 42.75 ? 160 ARG A NE  1 
ATOM   46  C CZ  . ARG A 1 7   ? -5.774  -9.689  6.584   1.00 43.06 ? 160 ARG A CZ  1 
ATOM   47  N NH1 . ARG A 1 7   ? -7.043  -9.649  6.998   1.00 43.52 ? 160 ARG A NH1 1 
ATOM   48  N NH2 . ARG A 1 7   ? -4.805  -9.420  7.459   1.00 42.72 ? 160 ARG A NH2 1 
ATOM   49  N N   . VAL A 1 8   ? -7.068  -6.171  0.742   1.00 40.87 ? 161 VAL A N   1 
ATOM   50  C CA  . VAL A 1 8   ? -7.259  -6.097  -0.703  1.00 40.61 ? 161 VAL A CA  1 
ATOM   51  C C   . VAL A 1 8   ? -6.186  -6.931  -1.383  1.00 40.24 ? 161 VAL A C   1 
ATOM   52  O O   . VAL A 1 8   ? -5.005  -6.793  -1.073  1.00 40.10 ? 161 VAL A O   1 
ATOM   53  C CB  . VAL A 1 8   ? -7.150  -4.644  -1.213  1.00 40.58 ? 161 VAL A CB  1 
ATOM   54  C CG1 . VAL A 1 8   ? -7.615  -4.548  -2.664  1.00 40.58 ? 161 VAL A CG1 1 
ATOM   55  C CG2 . VAL A 1 8   ? -7.956  -3.702  -0.324  1.00 40.70 ? 161 VAL A CG2 1 
ATOM   56  N N   . ARG A 1 9   ? -6.588  -7.793  -2.312  1.00 39.89 ? 162 ARG A N   1 
ATOM   57  C CA  . ARG A 1 9   ? -5.627  -8.642  -3.003  1.00 39.83 ? 162 ARG A CA  1 
ATOM   58  C C   . ARG A 1 9   ? -5.584  -8.390  -4.503  1.00 39.44 ? 162 ARG A C   1 
ATOM   59  O O   . ARG A 1 9   ? -6.608  -8.412  -5.183  1.00 39.17 ? 162 ARG A O   1 
ATOM   60  C CB  . ARG A 1 9   ? -5.864  -10.120 -2.698  1.00 39.83 ? 162 ARG A CB  1 
ATOM   61  C CG  . ARG A 1 9   ? -7.231  -10.668 -3.037  1.00 40.33 ? 162 ARG A CG  1 
ATOM   62  C CD  . ARG A 1 9   ? -7.427  -12.017 -2.356  1.00 40.61 ? 162 ARG A CD  1 
ATOM   63  N NE  . ARG A 1 9   ? -7.425  -11.876 -0.899  1.00 41.31 ? 162 ARG A NE  1 
ATOM   64  C CZ  . ARG A 1 9   ? -7.346  -12.885 -0.032  1.00 41.57 ? 162 ARG A CZ  1 
ATOM   65  N NH1 . ARG A 1 9   ? -7.264  -14.144 -0.459  1.00 41.69 ? 162 ARG A NH1 1 
ATOM   66  N NH2 . ARG A 1 9   ? -7.346  -12.631 1.278   1.00 41.70 ? 162 ARG A NH2 1 
ATOM   67  N N   . LEU A 1 10  ? -4.372  -8.137  -4.991  1.00 39.20 ? 163 LEU A N   1 
ATOM   68  C CA  . LEU A 1 10  ? -4.108  -7.903  -6.400  1.00 39.00 ? 163 LEU A CA  1 
ATOM   69  C C   . LEU A 1 10  ? -3.469  -9.158  -6.985  1.00 38.76 ? 163 LEU A C   1 
ATOM   70  O O   . LEU A 1 10  ? -2.307  -9.157  -7.405  1.00 38.68 ? 163 LEU A O   1 
ATOM   71  C CB  . LEU A 1 10  ? -3.208  -6.678  -6.568  1.00 38.93 ? 163 LEU A CB  1 
ATOM   72  C CG  . LEU A 1 10  ? -3.763  -5.388  -5.952  1.00 38.85 ? 163 LEU A CG  1 
ATOM   73  C CD1 . LEU A 1 10  ? -2.741  -4.276  -6.003  1.00 38.85 ? 163 LEU A CD1 1 
ATOM   74  C CD2 . LEU A 1 10  ? -5.038  -4.964  -6.658  1.00 39.17 ? 163 LEU A CD2 1 
ATOM   75  N N   . LEU A 1 11  ? -4.245  -10.237 -6.959  1.00 38.62 ? 164 LEU A N   1 
ATOM   76  C CA  . LEU A 1 11  ? -3.908  -11.485 -7.635  1.00 38.54 ? 164 LEU A CA  1 
ATOM   77  C C   . LEU A 1 11  ? -3.880  -11.215 -9.132  1.00 38.35 ? 164 LEU A C   1 
ATOM   78  O O   . LEU A 1 11  ? -4.774  -10.554 -9.657  1.00 38.30 ? 164 LEU A O   1 
ATOM   79  C CB  . LEU A 1 11  ? -4.958  -12.561 -7.292  1.00 38.65 ? 164 LEU A CB  1 
ATOM   80  C CG  . LEU A 1 11  ? -5.099  -13.887 -8.075  1.00 38.86 ? 164 LEU A CG  1 
ATOM   81  C CD1 . LEU A 1 11  ? -5.813  -14.916 -7.197  1.00 38.94 ? 164 LEU A CD1 1 
ATOM   82  C CD2 . LEU A 1 11  ? -5.840  -13.741 -9.416  1.00 38.69 ? 164 LEU A CD2 1 
ATOM   83  N N   . LYS A 1 12  ? -2.848  -11.706 -9.809  1.00 38.22 ? 165 LYS A N   1 
ATOM   84  C CA  . LYS A 1 12  ? -2.755  -11.584 -11.265 1.00 38.11 ? 165 LYS A CA  1 
ATOM   85  C C   . LYS A 1 12  ? -3.327  -12.821 -11.958 1.00 38.10 ? 165 LYS A C   1 
ATOM   86  O O   . LYS A 1 12  ? -4.181  -12.704 -12.840 1.00 38.09 ? 165 LYS A O   1 
ATOM   87  C CB  . LYS A 1 12  ? -1.302  -11.368 -11.698 1.00 37.96 ? 165 LYS A CB  1 
ATOM   88  C CG  . LYS A 1 12  ? -0.764  -9.961  -11.457 1.00 37.64 ? 165 LYS A CG  1 
ATOM   89  C CD  . LYS A 1 12  ? 0.653   -9.832  -12.010 1.00 37.68 ? 165 LYS A CD  1 
ATOM   90  C CE  . LYS A 1 12  ? 1.199   -8.417  -11.931 1.00 37.19 ? 165 LYS A CE  1 
ATOM   91  N NZ  . LYS A 1 12  ? 2.663   -8.383  -12.231 1.00 36.78 ? 165 LYS A NZ  1 
ATOM   92  N N   . HIS A 1 13  ? -2.869  -13.999 -11.534 1.00 38.26 ? 166 HIS A N   1 
ATOM   93  C CA  . HIS A 1 13  ? -3.157  -15.265 -12.221 1.00 38.29 ? 166 HIS A CA  1 
ATOM   94  C C   . HIS A 1 13  ? -2.814  -15.152 -13.708 1.00 38.36 ? 166 HIS A C   1 
ATOM   95  O O   . HIS A 1 13  ? -3.704  -15.079 -14.566 1.00 38.35 ? 166 HIS A O   1 
ATOM   96  C CB  . HIS A 1 13  ? -4.615  -15.710 -12.012 1.00 38.38 ? 166 HIS A CB  1 
ATOM   97  C CG  . HIS A 1 13  ? -4.968  -17.002 -12.699 1.00 38.66 ? 166 HIS A CG  1 
ATOM   98  N ND1 . HIS A 1 13  ? -4.424  -18.217 -12.338 1.00 39.16 ? 166 HIS A ND1 1 
ATOM   99  C CD2 . HIS A 1 13  ? -5.827  -17.265 -13.716 1.00 39.03 ? 166 HIS A CD2 1 
ATOM   100 C CE1 . HIS A 1 13  ? -4.923  -19.170 -13.107 1.00 39.09 ? 166 HIS A CE1 1 
ATOM   101 N NE2 . HIS A 1 13  ? -5.777  -18.619 -13.952 1.00 39.02 ? 166 HIS A NE2 1 
ATOM   102 N N   . GLY A 1 14  ? -1.511  -15.107 -13.990 1.00 38.35 ? 167 GLY A N   1 
ATOM   103 C CA  . GLY A 1 14  ? -0.988  -15.099 -15.364 1.00 38.26 ? 167 GLY A CA  1 
ATOM   104 C C   . GLY A 1 14  ? -1.470  -13.947 -16.233 1.00 38.24 ? 167 GLY A C   1 
ATOM   105 O O   . GLY A 1 14  ? -1.693  -14.123 -17.438 1.00 38.28 ? 167 GLY A O   1 
ATOM   106 N N   . SER A 1 15  ? -1.623  -12.771 -15.622 1.00 38.11 ? 168 SER A N   1 
ATOM   107 C CA  . SER A 1 15  ? -2.128  -11.590 -16.319 1.00 37.95 ? 168 SER A CA  1 
ATOM   108 C C   . SER A 1 15  ? -1.025  -10.559 -16.519 1.00 37.82 ? 168 SER A C   1 
ATOM   109 O O   . SER A 1 15  ? -0.165  -10.370 -15.650 1.00 37.71 ? 168 SER A O   1 
ATOM   110 C CB  . SER A 1 15  ? -3.289  -10.959 -15.547 1.00 38.00 ? 168 SER A CB  1 
ATOM   111 O OG  . SER A 1 15  ? -3.931  -9.963  -16.329 1.00 38.07 ? 168 SER A OG  1 
ATOM   112 N N   . ASP A 1 16  ? -1.070  -9.895  -17.672 1.00 37.66 ? 169 ASP A N   1 
ATOM   113 C CA  . ASP A 1 16  ? -0.102  -8.859  -18.023 1.00 37.44 ? 169 ASP A CA  1 
ATOM   114 C C   . ASP A 1 16  ? -0.360  -7.626  -17.167 1.00 37.20 ? 169 ASP A C   1 
ATOM   115 O O   . ASP A 1 16  ? 0.539   -7.152  -16.460 1.00 37.26 ? 169 ASP A O   1 
ATOM   116 C CB  . ASP A 1 16  ? -0.212  -8.495  -19.512 1.00 37.57 ? 169 ASP A CB  1 
ATOM   117 C CG  . ASP A 1 16  ? -0.009  -9.697  -20.433 1.00 37.96 ? 169 ASP A CG  1 
ATOM   118 O OD1 . ASP A 1 16  ? 0.111   -10.836 -19.925 1.00 38.34 ? 169 ASP A OD1 1 
ATOM   119 O OD2 . ASP A 1 16  ? 0.025   -9.502  -21.671 1.00 38.26 ? 169 ASP A OD2 1 
ATOM   120 N N   . LYS A 1 17  ? -1.600  -7.137  -17.229 1.00 36.78 ? 170 LYS A N   1 
ATOM   121 C CA  . LYS A 1 17  ? -2.054  -5.964  -16.477 1.00 36.41 ? 170 LYS A CA  1 
ATOM   122 C C   . LYS A 1 17  ? -1.198  -5.720  -15.240 1.00 35.95 ? 170 LYS A C   1 
ATOM   123 O O   . LYS A 1 17  ? -1.166  -6.555  -14.335 1.00 35.78 ? 170 LYS A O   1 
ATOM   124 C CB  . LYS A 1 17  ? -3.518  -6.131  -16.067 1.00 36.46 ? 170 LYS A CB  1 
ATOM   125 C CG  . LYS A 1 17  ? -4.503  -6.006  -17.231 1.00 36.69 ? 170 LYS A CG  1 
ATOM   126 C CD  . LYS A 1 17  ? -5.864  -6.622  -16.901 1.00 36.73 ? 170 LYS A CD  1 
ATOM   127 C CE  . LYS A 1 17  ? -6.708  -6.835  -18.158 1.00 36.85 ? 170 LYS A CE  1 
ATOM   128 N NZ  . LYS A 1 17  ? -7.953  -7.608  -17.877 1.00 36.94 ? 170 LYS A NZ  1 
ATOM   129 N N   . PRO A 1 18  ? -0.482  -4.584  -15.206 1.00 35.53 ? 171 PRO A N   1 
ATOM   130 C CA  . PRO A 1 18  ? 0.342   -4.265  -14.047 1.00 35.34 ? 171 PRO A CA  1 
ATOM   131 C C   . PRO A 1 18  ? -0.512  -3.956  -12.823 1.00 35.04 ? 171 PRO A C   1 
ATOM   132 O O   . PRO A 1 18  ? -1.718  -3.741  -12.960 1.00 35.09 ? 171 PRO A O   1 
ATOM   133 C CB  . PRO A 1 18  ? 1.103   -3.003  -14.484 1.00 35.36 ? 171 PRO A CB  1 
ATOM   134 C CG  . PRO A 1 18  ? 0.888   -2.875  -15.938 1.00 35.37 ? 171 PRO A CG  1 
ATOM   135 C CD  . PRO A 1 18  ? -0.399  -3.536  -16.237 1.00 35.50 ? 171 PRO A CD  1 
ATOM   136 N N   . LEU A 1 19  ? 0.104   -3.936  -11.642 1.00 34.66 ? 172 LEU A N   1 
ATOM   137 C CA  . LEU A 1 19  ? -0.598  -3.492  -10.441 1.00 34.33 ? 172 LEU A CA  1 
ATOM   138 C C   . LEU A 1 19  ? -0.991  -2.034  -10.618 1.00 34.09 ? 172 LEU A C   1 
ATOM   139 O O   . LEU A 1 19  ? -2.113  -1.647  -10.295 1.00 34.18 ? 172 LEU A O   1 
ATOM   140 C CB  . LEU A 1 19  ? 0.259   -3.650  -9.186  1.00 34.22 ? 172 LEU A CB  1 
ATOM   141 C CG  . LEU A 1 19  ? 0.578   -5.045  -8.628  1.00 34.21 ? 172 LEU A CG  1 
ATOM   142 C CD1 . LEU A 1 19  ? -0.306  -6.131  -9.228  1.00 34.22 ? 172 LEU A CD1 1 
ATOM   143 C CD2 . LEU A 1 19  ? 2.039   -5.400  -8.829  1.00 34.51 ? 172 LEU A CD2 1 
ATOM   144 N N   . GLY A 1 20  ? -0.061  -1.235  -11.138 1.00 33.79 ? 173 GLY A N   1 
ATOM   145 C CA  . GLY A 1 20  ? -0.351  0.143   -11.512 1.00 33.64 ? 173 GLY A CA  1 
ATOM   146 C C   . GLY A 1 20  ? -0.813  1.017   -10.361 1.00 33.50 ? 173 GLY A C   1 
ATOM   147 O O   . GLY A 1 20  ? -1.939  1.522   -10.366 1.00 33.46 ? 173 GLY A O   1 
ATOM   148 N N   . PHE A 1 21  ? 0.053   1.171   -9.364  1.00 33.30 ? 174 PHE A N   1 
ATOM   149 C CA  . PHE A 1 21  ? -0.137  2.177   -8.323  1.00 33.13 ? 174 PHE A CA  1 
ATOM   150 C C   . PHE A 1 21  ? 1.213   2.629   -7.776  1.00 33.02 ? 174 PHE A C   1 
ATOM   151 O O   . PHE A 1 21  ? 2.232   1.965   -7.983  1.00 32.95 ? 174 PHE A O   1 
ATOM   152 C CB  . PHE A 1 21  ? -1.081  1.686   -7.206  1.00 33.01 ? 174 PHE A CB  1 
ATOM   153 C CG  . PHE A 1 21  ? -0.518  0.580   -6.341  1.00 32.98 ? 174 PHE A CG  1 
ATOM   154 C CD1 . PHE A 1 21  ? 0.048   0.867   -5.106  1.00 33.21 ? 174 PHE A CD1 1 
ATOM   155 C CD2 . PHE A 1 21  ? -0.594  -0.750  -6.740  1.00 32.91 ? 174 PHE A CD2 1 
ATOM   156 C CE1 . PHE A 1 21  ? 0.555   -0.151  -4.294  1.00 33.03 ? 174 PHE A CE1 1 
ATOM   157 C CE2 . PHE A 1 21  ? -0.090  -1.767  -5.937  1.00 32.67 ? 174 PHE A CE2 1 
ATOM   158 C CZ  . PHE A 1 21  ? 0.482   -1.467  -4.713  1.00 32.90 ? 174 PHE A CZ  1 
ATOM   159 N N   . TYR A 1 22  ? 1.210   3.783   -7.120  1.00 32.98 ? 175 TYR A N   1 
ATOM   160 C CA  . TYR A 1 22  ? 2.399   4.337   -6.489  1.00 33.03 ? 175 TYR A CA  1 
ATOM   161 C C   . TYR A 1 22  ? 2.171   4.382   -4.981  1.00 33.06 ? 175 TYR A C   1 
ATOM   162 O O   . TYR A 1 22  ? 1.024   4.435   -4.525  1.00 33.10 ? 175 TYR A O   1 
ATOM   163 C CB  . TYR A 1 22  ? 2.655   5.757   -6.993  1.00 32.97 ? 175 TYR A CB  1 
ATOM   164 C CG  . TYR A 1 22  ? 3.131   5.877   -8.427  1.00 32.94 ? 175 TYR A CG  1 
ATOM   165 C CD1 . TYR A 1 22  ? 4.461   6.171   -8.714  1.00 33.03 ? 175 TYR A CD1 1 
ATOM   166 C CD2 . TYR A 1 22  ? 2.247   5.734   -9.493  1.00 33.02 ? 175 TYR A CD2 1 
ATOM   167 C CE1 . TYR A 1 22  ? 4.904   6.306   -10.027 1.00 32.88 ? 175 TYR A CE1 1 
ATOM   168 C CE2 . TYR A 1 22  ? 2.682   5.861   -10.811 1.00 32.85 ? 175 TYR A CE2 1 
ATOM   169 C CZ  . TYR A 1 22  ? 4.013   6.145   -11.068 1.00 32.86 ? 175 TYR A CZ  1 
ATOM   170 O OH  . TYR A 1 22  ? 4.460   6.275   -12.362 1.00 32.86 ? 175 TYR A OH  1 
ATOM   171 N N   . ILE A 1 23  ? 3.256   4.365   -4.212  1.00 33.08 ? 176 ILE A N   1 
ATOM   172 C CA  . ILE A 1 23  ? 3.184   4.573   -2.759  1.00 33.12 ? 176 ILE A CA  1 
ATOM   173 C C   . ILE A 1 23  ? 4.103   5.719   -2.360  1.00 33.22 ? 176 ILE A C   1 
ATOM   174 O O   . ILE A 1 23  ? 5.032   6.042   -3.095  1.00 33.30 ? 176 ILE A O   1 
ATOM   175 C CB  . ILE A 1 23  ? 3.541   3.300   -1.945  1.00 32.97 ? 176 ILE A CB  1 
ATOM   176 C CG1 . ILE A 1 23  ? 4.869   2.694   -2.405  1.00 32.93 ? 176 ILE A CG1 1 
ATOM   177 C CG2 . ILE A 1 23  ? 2.436   2.269   -2.061  1.00 33.06 ? 176 ILE A CG2 1 
ATOM   178 C CD1 . ILE A 1 23  ? 5.397   1.634   -1.472  1.00 32.90 ? 176 ILE A CD1 1 
ATOM   179 N N   . ARG A 1 24  ? 3.842   6.328   -1.204  1.00 33.37 ? 177 ARG A N   1 
ATOM   180 C CA  . ARG A 1 24  ? 4.644   7.459   -0.734  1.00 33.53 ? 177 ARG A CA  1 
ATOM   181 C C   . ARG A 1 24  ? 4.823   7.508   0.784   1.00 33.64 ? 177 ARG A C   1 
ATOM   182 O O   . ARG A 1 24  ? 4.135   6.811   1.529   1.00 33.69 ? 177 ARG A O   1 
ATOM   183 C CB  . ARG A 1 24  ? 4.038   8.777   -1.229  1.00 33.68 ? 177 ARG A CB  1 
ATOM   184 C CG  . ARG A 1 24  ? 2.545   8.971   -0.925  1.00 34.01 ? 177 ARG A CG  1 
ATOM   185 C CD  . ARG A 1 24  ? 2.294   9.973   0.189   1.00 34.16 ? 177 ARG A CD  1 
ATOM   186 N NE  . ARG A 1 24  ? 0.863   10.160  0.432   1.00 34.17 ? 177 ARG A NE  1 
ATOM   187 C CZ  . ARG A 1 24  ? 0.341   10.753  1.505   1.00 33.99 ? 177 ARG A CZ  1 
ATOM   188 N NH1 . ARG A 1 24  ? 1.122   11.247  2.461   1.00 34.32 ? 177 ARG A NH1 1 
ATOM   189 N NH2 . ARG A 1 24  ? -0.976  10.852  1.625   1.00 33.71 ? 177 ARG A NH2 1 
ATOM   190 N N   . ASP A 1 25  ? 5.780   8.327   1.217   1.00 33.77 ? 178 ASP A N   1 
ATOM   191 C CA  . ASP A 1 25  ? 5.977   8.651   2.629   1.00 33.87 ? 178 ASP A CA  1 
ATOM   192 C C   . ASP A 1 25  ? 4.833   9.534   3.132   1.00 33.97 ? 178 ASP A C   1 
ATOM   193 O O   . ASP A 1 25  ? 4.425   10.477  2.456   1.00 34.08 ? 178 ASP A O   1 
ATOM   194 C CB  . ASP A 1 25  ? 7.289   9.426   2.834   1.00 33.95 ? 178 ASP A CB  1 
ATOM   195 C CG  . ASP A 1 25  ? 8.528   8.553   2.740   1.00 34.20 ? 178 ASP A CG  1 
ATOM   196 O OD1 . ASP A 1 25  ? 9.558   9.071   2.262   1.00 34.54 ? 178 ASP A OD1 1 
ATOM   197 O OD2 . ASP A 1 25  ? 8.494   7.372   3.160   1.00 34.60 ? 178 ASP A OD2 1 
ATOM   198 N N   . GLY A 1 26  ? 4.338   9.234   4.329   1.00 34.01 ? 179 GLY A N   1 
ATOM   199 C CA  . GLY A 1 26  ? 3.344   10.073  4.993   1.00 33.94 ? 179 GLY A CA  1 
ATOM   200 C C   . GLY A 1 26  ? 3.481   9.990   6.502   1.00 33.95 ? 179 GLY A C   1 
ATOM   201 O O   . GLY A 1 26  ? 4.456   9.442   7.019   1.00 33.91 ? 179 GLY A O   1 
ATOM   202 N N   . THR A 1 27  ? 2.495   10.539  7.203   1.00 34.00 ? 180 THR A N   1 
ATOM   203 C CA  . THR A 1 27  ? 2.473   10.529  8.662   1.00 34.00 ? 180 THR A CA  1 
ATOM   204 C C   . THR A 1 27  ? 1.149   9.936   9.127   1.00 33.97 ? 180 THR A C   1 
ATOM   205 O O   . THR A 1 27  ? 0.081   10.413  8.737   1.00 34.11 ? 180 THR A O   1 
ATOM   206 C CB  . THR A 1 27  ? 2.672   11.961  9.225   1.00 34.07 ? 180 THR A CB  1 
ATOM   207 O OG1 . THR A 1 27  ? 4.069   12.280  9.217   1.00 34.30 ? 180 THR A OG1 1 
ATOM   208 C CG2 . THR A 1 27  ? 2.148   12.098  10.652  1.00 34.11 ? 180 THR A CG2 1 
ATOM   209 N N   . SER A 1 28  ? 1.226   8.891   9.946   1.00 33.87 ? 181 SER A N   1 
ATOM   210 C CA  . SER A 1 28  ? 0.038   8.262   10.511  1.00 33.89 ? 181 SER A CA  1 
ATOM   211 C C   . SER A 1 28  ? 0.063   8.405   12.020  1.00 33.79 ? 181 SER A C   1 
ATOM   212 O O   . SER A 1 28  ? 1.132   8.481   12.617  1.00 33.73 ? 181 SER A O   1 
ATOM   213 C CB  . SER A 1 28  ? 0.001   6.784   10.150  1.00 33.83 ? 181 SER A CB  1 
ATOM   214 O OG  . SER A 1 28  ? 1.125   6.120   10.691  1.00 34.07 ? 181 SER A OG  1 
ATOM   215 N N   . VAL A 1 29  ? -1.116  8.430   12.632  1.00 33.83 ? 182 VAL A N   1 
ATOM   216 C CA  . VAL A 1 29  ? -1.221  8.574   14.078  1.00 33.92 ? 182 VAL A CA  1 
ATOM   217 C C   . VAL A 1 29  ? -1.583  7.241   14.732  1.00 33.93 ? 182 VAL A C   1 
ATOM   218 O O   . VAL A 1 29  ? -2.593  6.620   14.393  1.00 33.98 ? 182 VAL A O   1 
ATOM   219 C CB  . VAL A 1 29  ? -2.218  9.692   14.484  1.00 33.95 ? 182 VAL A CB  1 
ATOM   220 C CG1 . VAL A 1 29  ? -1.847  10.995  13.792  1.00 33.93 ? 182 VAL A CG1 1 
ATOM   221 C CG2 . VAL A 1 29  ? -3.662  9.310   14.169  1.00 34.33 ? 182 VAL A CG2 1 
ATOM   222 N N   . ARG A 1 30  ? -0.736  6.811   15.665  1.00 33.89 ? 183 ARG A N   1 
ATOM   223 C CA  . ARG A 1 30  ? -0.880  5.523   16.327  1.00 33.83 ? 183 ARG A CA  1 
ATOM   224 C C   . ARG A 1 30  ? -0.945  5.710   17.836  1.00 33.49 ? 183 ARG A C   1 
ATOM   225 O O   . ARG A 1 30  ? -0.570  6.764   18.346  1.00 33.47 ? 183 ARG A O   1 
ATOM   226 C CB  . ARG A 1 30  ? 0.298   4.635   15.954  1.00 34.03 ? 183 ARG A CB  1 
ATOM   227 C CG  . ARG A 1 30  ? 0.561   4.574   14.448  1.00 34.40 ? 183 ARG A CG  1 
ATOM   228 C CD  . ARG A 1 30  ? 1.137   3.222   14.054  1.00 35.11 ? 183 ARG A CD  1 
ATOM   229 N NE  . ARG A 1 30  ? 1.410   3.093   12.620  1.00 36.21 ? 183 ARG A NE  1 
ATOM   230 C CZ  . ARG A 1 30  ? 2.535   3.480   12.009  1.00 37.47 ? 183 ARG A CZ  1 
ATOM   231 N NH1 . ARG A 1 30  ? 3.521   4.059   12.694  1.00 38.06 ? 183 ARG A NH1 1 
ATOM   232 N NH2 . ARG A 1 30  ? 2.672   3.298   10.694  1.00 37.34 ? 183 ARG A NH2 1 
ATOM   233 N N   . VAL A 1 31  ? -1.427  4.688   18.543  1.00 33.16 ? 184 VAL A N   1 
ATOM   234 C CA  . VAL A 1 31  ? -1.567  4.747   20.008  1.00 32.87 ? 184 VAL A CA  1 
ATOM   235 C C   . VAL A 1 31  ? -0.273  4.347   20.720  1.00 32.55 ? 184 VAL A C   1 
ATOM   236 O O   . VAL A 1 31  ? 0.490   3.527   20.217  1.00 32.69 ? 184 VAL A O   1 
ATOM   237 C CB  . VAL A 1 31  ? -2.729  3.854   20.534  1.00 32.85 ? 184 VAL A CB  1 
ATOM   238 C CG1 . VAL A 1 31  ? -4.080  4.466   20.183  1.00 32.65 ? 184 VAL A CG1 1 
ATOM   239 C CG2 . VAL A 1 31  ? -2.622  2.417   20.002  1.00 33.29 ? 184 VAL A CG2 1 
ATOM   240 N N   . THR A 1 32  ? -0.038  4.939   21.888  1.00 32.21 ? 185 THR A N   1 
ATOM   241 C CA  . THR A 1 32  ? 1.148   4.661   22.696  1.00 32.02 ? 185 THR A CA  1 
ATOM   242 C C   . THR A 1 32  ? 0.772   4.837   24.159  1.00 31.78 ? 185 THR A C   1 
ATOM   243 O O   . THR A 1 32  ? -0.335  5.278   24.463  1.00 31.84 ? 185 THR A O   1 
ATOM   244 C CB  . THR A 1 32  ? 2.304   5.631   22.343  1.00 31.99 ? 185 THR A CB  1 
ATOM   245 O OG1 . THR A 1 32  ? 2.414   5.750   20.922  1.00 31.84 ? 185 THR A OG1 1 
ATOM   246 C CG2 . THR A 1 32  ? 3.643   5.146   22.897  1.00 32.21 ? 185 THR A CG2 1 
ATOM   247 N N   . ALA A 1 33  ? 1.676   4.480   25.065  1.00 31.59 ? 186 ALA A N   1 
ATOM   248 C CA  . ALA A 1 33  ? 1.499   4.770   26.491  1.00 31.44 ? 186 ALA A CA  1 
ATOM   249 C C   . ALA A 1 33  ? 1.510   6.279   26.778  1.00 31.29 ? 186 ALA A C   1 
ATOM   250 O O   . ALA A 1 33  ? 0.950   6.737   27.782  1.00 31.39 ? 186 ALA A O   1 
ATOM   251 C CB  . ALA A 1 33  ? 2.575   4.068   27.307  1.00 31.46 ? 186 ALA A CB  1 
ATOM   252 N N   . SER A 1 34  ? 2.166   7.040   25.903  1.00 31.03 ? 187 SER A N   1 
ATOM   253 C CA  . SER A 1 34  ? 2.174   8.497   25.982  1.00 30.90 ? 187 SER A CA  1 
ATOM   254 C C   . SER A 1 34  ? 0.860   9.096   25.476  1.00 30.71 ? 187 SER A C   1 
ATOM   255 O O   . SER A 1 34  ? 0.448   10.159  25.928  1.00 30.73 ? 187 SER A O   1 
ATOM   256 C CB  . SER A 1 34  ? 3.355   9.060   25.187  1.00 30.84 ? 187 SER A CB  1 
ATOM   257 O OG  . SER A 1 34  ? 3.522   8.368   23.960  1.00 31.11 ? 187 SER A OG  1 
ATOM   258 N N   . GLY A 1 35  ? 0.210   8.405   24.544  1.00 30.57 ? 188 GLY A N   1 
ATOM   259 C CA  . GLY A 1 35  ? -1.033  8.877   23.939  1.00 30.54 ? 188 GLY A CA  1 
ATOM   260 C C   . GLY A 1 35  ? -0.996  8.669   22.438  1.00 30.50 ? 188 GLY A C   1 
ATOM   261 O O   . GLY A 1 35  ? -0.497  7.649   21.967  1.00 30.53 ? 188 GLY A O   1 
ATOM   262 N N   . LEU A 1 36  ? -1.514  9.638   21.688  1.00 30.49 ? 189 LEU A N   1 
ATOM   263 C CA  . LEU A 1 36  ? -1.520  9.573   20.226  1.00 30.55 ? 189 LEU A CA  1 
ATOM   264 C C   . LEU A 1 36  ? -0.281  10.270  19.664  1.00 30.60 ? 189 LEU A C   1 
ATOM   265 O O   . LEU A 1 36  ? -0.018  11.429  19.982  1.00 30.67 ? 189 LEU A O   1 
ATOM   266 C CB  . LEU A 1 36  ? -2.792  10.221  19.671  1.00 30.44 ? 189 LEU A CB  1 
ATOM   267 C CG  . LEU A 1 36  ? -4.118  9.622   20.158  1.00 30.21 ? 189 LEU A CG  1 
ATOM   268 C CD1 . LEU A 1 36  ? -5.289  10.492  19.740  1.00 30.13 ? 189 LEU A CD1 1 
ATOM   269 C CD2 . LEU A 1 36  ? -4.301  8.203   19.643  1.00 30.05 ? 189 LEU A CD2 1 
ATOM   270 N N   . GLU A 1 37  ? 0.472   9.554   18.832  1.00 30.79 ? 190 GLU A N   1 
ATOM   271 C CA  . GLU A 1 37  ? 1.755   10.035  18.312  1.00 31.01 ? 190 GLU A CA  1 
ATOM   272 C C   . GLU A 1 37  ? 1.771   10.015  16.787  1.00 31.01 ? 190 GLU A C   1 
ATOM   273 O O   . GLU A 1 37  ? 1.217   9.108   16.178  1.00 30.88 ? 190 GLU A O   1 
ATOM   274 C CB  . GLU A 1 37  ? 2.902   9.150   18.817  1.00 31.16 ? 190 GLU A CB  1 
ATOM   275 C CG  . GLU A 1 37  ? 2.866   8.811   20.311  1.00 31.75 ? 190 GLU A CG  1 
ATOM   276 C CD  . GLU A 1 37  ? 3.253   9.974   21.208  1.00 32.63 ? 190 GLU A CD  1 
ATOM   277 O OE1 . GLU A 1 37  ? 4.295   10.614  20.947  1.00 33.38 ? 190 GLU A OE1 1 
ATOM   278 O OE2 . GLU A 1 37  ? 2.526   10.235  22.191  1.00 33.38 ? 190 GLU A OE2 1 
ATOM   279 N N   . LYS A 1 38  ? 2.415   11.012  16.181  1.00 31.22 ? 191 LYS A N   1 
ATOM   280 C CA  . LYS A 1 38  ? 2.644   11.038  14.735  1.00 31.43 ? 191 LYS A CA  1 
ATOM   281 C C   . LYS A 1 38  ? 3.855   10.176  14.417  1.00 31.59 ? 191 LYS A C   1 
ATOM   282 O O   . LYS A 1 38  ? 4.953   10.453  14.893  1.00 31.72 ? 191 LYS A O   1 
ATOM   283 C CB  . LYS A 1 38  ? 2.918   12.462  14.234  1.00 31.40 ? 191 LYS A CB  1 
ATOM   284 C CG  . LYS A 1 38  ? 1.783   13.454  14.431  1.00 31.48 ? 191 LYS A CG  1 
ATOM   285 C CD  . LYS A 1 38  ? 2.162   14.858  13.939  1.00 31.51 ? 191 LYS A CD  1 
ATOM   286 C CE  . LYS A 1 38  ? 1.381   15.951  14.669  1.00 31.46 ? 191 LYS A CE  1 
ATOM   287 N NZ  . LYS A 1 38  ? 1.627   17.314  14.115  1.00 31.61 ? 191 LYS A NZ  1 
ATOM   288 N N   . GLN A 1 39  ? 3.662   9.136   13.613  1.00 31.81 ? 192 GLN A N   1 
ATOM   289 C CA  . GLN A 1 39  ? 4.765   8.276   13.200  1.00 31.93 ? 192 GLN A CA  1 
ATOM   290 C C   . GLN A 1 39  ? 4.822   8.170   11.684  1.00 31.97 ? 192 GLN A C   1 
ATOM   291 O O   . GLN A 1 39  ? 3.808   8.376   11.009  1.00 32.01 ? 192 GLN A O   1 
ATOM   292 C CB  . GLN A 1 39  ? 4.622   6.892   13.829  1.00 32.01 ? 192 GLN A CB  1 
ATOM   293 C CG  . GLN A 1 39  ? 5.089   6.856   15.280  1.00 32.43 ? 192 GLN A CG  1 
ATOM   294 C CD  . GLN A 1 39  ? 4.313   5.864   16.141  1.00 32.59 ? 192 GLN A CD  1 
ATOM   295 O OE1 . GLN A 1 39  ? 3.709   4.913   15.624  1.00 33.13 ? 192 GLN A OE1 1 
ATOM   296 N NE2 . GLN A 1 39  ? 4.316   6.096   17.471  1.00 33.21 ? 192 GLN A NE2 1 
ATOM   297 N N   . PRO A 1 40  ? 6.014   7.863   11.141  1.00 31.97 ? 193 PRO A N   1 
ATOM   298 C CA  . PRO A 1 40  ? 6.167   7.685   9.701   1.00 31.91 ? 193 PRO A CA  1 
ATOM   299 C C   . PRO A 1 40  ? 5.287   6.566   9.171   1.00 31.98 ? 193 PRO A C   1 
ATOM   300 O O   . PRO A 1 40  ? 5.186   5.510   9.794   1.00 32.14 ? 193 PRO A O   1 
ATOM   301 C CB  . PRO A 1 40  ? 7.646   7.317   9.542   1.00 31.84 ? 193 PRO A CB  1 
ATOM   302 C CG  . PRO A 1 40  ? 8.304   7.813   10.768  1.00 31.94 ? 193 PRO A CG  1 
ATOM   303 C CD  . PRO A 1 40  ? 7.293   7.690   11.854  1.00 31.92 ? 193 PRO A CD  1 
ATOM   304 N N   . GLY A 1 41  ? 4.658   6.802   8.025   1.00 32.10 ? 194 GLY A N   1 
ATOM   305 C CA  . GLY A 1 41  ? 3.773   5.816   7.418   1.00 32.08 ? 194 GLY A CA  1 
ATOM   306 C C   . GLY A 1 41  ? 3.997   5.676   5.928   1.00 32.08 ? 194 GLY A C   1 
ATOM   307 O O   . GLY A 1 41  ? 4.791   6.413   5.333   1.00 31.90 ? 194 GLY A O   1 
ATOM   308 N N   . ILE A 1 42  ? 3.296   4.707   5.343   1.00 32.17 ? 195 ILE A N   1 
ATOM   309 C CA  . ILE A 1 42  ? 3.312   4.481   3.904   1.00 32.15 ? 195 ILE A CA  1 
ATOM   310 C C   . ILE A 1 42  ? 1.884   4.572   3.387   1.00 32.11 ? 195 ILE A C   1 
ATOM   311 O O   . ILE A 1 42  ? 0.976   3.950   3.943   1.00 31.92 ? 195 ILE A O   1 
ATOM   312 C CB  . ILE A 1 42  ? 3.902   3.106   3.552   1.00 32.25 ? 195 ILE A CB  1 
ATOM   313 C CG1 . ILE A 1 42  ? 5.345   2.995   4.054   1.00 32.26 ? 195 ILE A CG1 1 
ATOM   314 C CG2 . ILE A 1 42  ? 3.839   2.862   2.040   1.00 32.35 ? 195 ILE A CG2 1 
ATOM   315 C CD1 . ILE A 1 42  ? 6.354   3.788   3.240   1.00 32.64 ? 195 ILE A CD1 1 
ATOM   316 N N   . PHE A 1 43  ? 1.699   5.351   2.321   1.00 32.15 ? 196 PHE A N   1 
ATOM   317 C CA  . PHE A 1 43  ? 0.373   5.674   1.803   1.00 32.27 ? 196 PHE A CA  1 
ATOM   318 C C   . PHE A 1 43  ? 0.306   5.515   0.294   1.00 32.37 ? 196 PHE A C   1 
ATOM   319 O O   . PHE A 1 43  ? 1.334   5.530   -0.378  1.00 32.53 ? 196 PHE A O   1 
ATOM   320 C CB  . PHE A 1 43  ? 0.007   7.111   2.172   1.00 32.19 ? 196 PHE A CB  1 
ATOM   321 C CG  . PHE A 1 43  ? -0.187  7.322   3.642   1.00 32.15 ? 196 PHE A CG  1 
ATOM   322 C CD1 . PHE A 1 43  ? 0.899   7.542   4.473   1.00 32.10 ? 196 PHE A CD1 1 
ATOM   323 C CD2 . PHE A 1 43  ? -1.456  7.293   4.199   1.00 32.03 ? 196 PHE A CD2 1 
ATOM   324 C CE1 . PHE A 1 43  ? 0.723   7.733   5.830   1.00 32.11 ? 196 PHE A CE1 1 
ATOM   325 C CE2 . PHE A 1 43  ? -1.636  7.485   5.555   1.00 32.03 ? 196 PHE A CE2 1 
ATOM   326 C CZ  . PHE A 1 43  ? -0.547  7.705   6.371   1.00 31.99 ? 196 PHE A CZ  1 
ATOM   327 N N   . ILE A 1 44  ? -0.913  5.387   -0.225  1.00 32.43 ? 197 ILE A N   1 
ATOM   328 C CA  . ILE A 1 44  ? -1.137  5.237   -1.661  1.00 32.46 ? 197 ILE A CA  1 
ATOM   329 C C   . ILE A 1 44  ? -1.063  6.617   -2.315  1.00 32.51 ? 197 ILE A C   1 
ATOM   330 O O   . ILE A 1 44  ? -1.833  7.507   -1.968  1.00 32.48 ? 197 ILE A O   1 
ATOM   331 C CB  . ILE A 1 44  ? -2.527  4.611   -1.977  1.00 32.49 ? 197 ILE A CB  1 
ATOM   332 C CG1 . ILE A 1 44  ? -2.722  3.261   -1.269  1.00 32.40 ? 197 ILE A CG1 1 
ATOM   333 C CG2 . ILE A 1 44  ? -2.715  4.452   -3.486  1.00 32.45 ? 197 ILE A CG2 1 
ATOM   334 C CD1 . ILE A 1 44  ? -1.996  2.096   -1.901  1.00 32.62 ? 197 ILE A CD1 1 
ATOM   335 N N   . SER A 1 45  ? -0.137  6.781   -3.258  1.00 32.64 ? 198 SER A N   1 
ATOM   336 C CA  . SER A 1 45  ? 0.049   8.046   -3.978  1.00 32.66 ? 198 SER A CA  1 
ATOM   337 C C   . SER A 1 45  ? -1.052  8.264   -4.998  1.00 32.73 ? 198 SER A C   1 
ATOM   338 O O   . SER A 1 45  ? -1.774  9.262   -4.949  1.00 32.83 ? 198 SER A O   1 
ATOM   339 C CB  . SER A 1 45  ? 1.395   8.063   -4.711  1.00 32.78 ? 198 SER A CB  1 
ATOM   340 O OG  . SER A 1 45  ? 2.382   8.748   -3.973  1.00 33.07 ? 198 SER A OG  1 
ATOM   341 N N   . ARG A 1 46  ? -1.150  7.334   -5.944  1.00 32.72 ? 199 ARG A N   1 
ATOM   342 C CA  . ARG A 1 46  ? -2.173  7.391   -6.978  1.00 32.64 ? 199 ARG A CA  1 
ATOM   343 C C   . ARG A 1 46  ? -2.349  6.048   -7.679  1.00 32.46 ? 199 ARG A C   1 
ATOM   344 O O   . ARG A 1 46  ? -1.513  5.153   -7.558  1.00 32.28 ? 199 ARG A O   1 
ATOM   345 C CB  . ARG A 1 46  ? -1.859  8.496   -7.995  1.00 32.81 ? 199 ARG A CB  1 
ATOM   346 C CG  . ARG A 1 46  ? -0.499  8.398   -8.679  1.00 32.96 ? 199 ARG A CG  1 
ATOM   347 C CD  . ARG A 1 46  ? -0.267  9.622   -9.566  1.00 32.99 ? 199 ARG A CD  1 
ATOM   348 N NE  . ARG A 1 46  ? 0.662   9.361   -10.667 1.00 33.23 ? 199 ARG A NE  1 
ATOM   349 C CZ  . ARG A 1 46  ? 1.991   9.322   -10.559 1.00 33.42 ? 199 ARG A CZ  1 
ATOM   350 N NH1 . ARG A 1 46  ? 2.588   9.514   -9.388  1.00 33.32 ? 199 ARG A NH1 1 
ATOM   351 N NH2 . ARG A 1 46  ? 2.732   9.083   -11.637 1.00 33.40 ? 199 ARG A NH2 1 
ATOM   352 N N   . LEU A 1 47  ? -3.458  5.925   -8.403  1.00 32.36 ? 200 LEU A N   1 
ATOM   353 C CA  . LEU A 1 47  ? -3.809  4.701   -9.110  1.00 32.29 ? 200 LEU A CA  1 
ATOM   354 C C   . LEU A 1 47  ? -3.715  4.948   -10.609 1.00 32.12 ? 200 LEU A C   1 
ATOM   355 O O   . LEU A 1 47  ? -4.347  5.865   -11.132 1.00 32.19 ? 200 LEU A O   1 
ATOM   356 C CB  . LEU A 1 47  ? -5.236  4.274   -8.751  1.00 32.43 ? 200 LEU A CB  1 
ATOM   357 C CG  . LEU A 1 47  ? -5.611  4.213   -7.265  1.00 32.75 ? 200 LEU A CG  1 
ATOM   358 C CD1 . LEU A 1 47  ? -7.124  4.101   -7.101  1.00 33.23 ? 200 LEU A CD1 1 
ATOM   359 C CD2 . LEU A 1 47  ? -4.913  3.064   -6.563  1.00 33.00 ? 200 LEU A CD2 1 
ATOM   360 N N   . VAL A 1 48  ? -2.930  4.121   -11.296 1.00 31.90 ? 201 VAL A N   1 
ATOM   361 C CA  . VAL A 1 48  ? -2.750  4.248   -12.737 1.00 31.74 ? 201 VAL A CA  1 
ATOM   362 C C   . VAL A 1 48  ? -3.991  3.702   -13.454 1.00 31.60 ? 201 VAL A C   1 
ATOM   363 O O   . VAL A 1 48  ? -4.431  2.591   -13.153 1.00 31.67 ? 201 VAL A O   1 
ATOM   364 C CB  . VAL A 1 48  ? -1.486  3.486   -13.219 1.00 31.74 ? 201 VAL A CB  1 
ATOM   365 C CG1 . VAL A 1 48  ? -1.324  3.593   -14.739 1.00 31.75 ? 201 VAL A CG1 1 
ATOM   366 C CG2 . VAL A 1 48  ? -0.237  4.010   -12.508 1.00 31.70 ? 201 VAL A CG2 1 
ATOM   367 N N   . PRO A 1 49  ? -4.579  4.494   -14.378 1.00 31.43 ? 202 PRO A N   1 
ATOM   368 C CA  . PRO A 1 49  ? -5.674  4.020   -15.229 1.00 31.30 ? 202 PRO A CA  1 
ATOM   369 C C   . PRO A 1 49  ? -5.342  2.738   -15.993 1.00 31.20 ? 202 PRO A C   1 
ATOM   370 O O   . PRO A 1 49  ? -4.307  2.667   -16.657 1.00 31.19 ? 202 PRO A O   1 
ATOM   371 C CB  . PRO A 1 49  ? -5.884  5.179   -16.207 1.00 31.25 ? 202 PRO A CB  1 
ATOM   372 C CG  . PRO A 1 49  ? -5.410  6.371   -15.479 1.00 31.29 ? 202 PRO A CG  1 
ATOM   373 C CD  . PRO A 1 49  ? -4.266  5.912   -14.642 1.00 31.40 ? 202 PRO A CD  1 
ATOM   374 N N   . GLY A 1 50  ? -6.215  1.738   -15.884 1.00 31.07 ? 203 GLY A N   1 
ATOM   375 C CA  . GLY A 1 50  ? -6.035  0.463   -16.578 1.00 30.97 ? 203 GLY A CA  1 
ATOM   376 C C   . GLY A 1 50  ? -5.420  -0.626  -15.716 1.00 30.89 ? 203 GLY A C   1 
ATOM   377 O O   . GLY A 1 50  ? -5.660  -1.813  -15.952 1.00 31.01 ? 203 GLY A O   1 
ATOM   378 N N   . GLY A 1 51  ? -4.624  -0.230  -14.724 1.00 30.72 ? 204 GLY A N   1 
ATOM   379 C CA  . GLY A 1 51  ? -3.969  -1.175  -13.819 1.00 30.57 ? 204 GLY A CA  1 
ATOM   380 C C   . GLY A 1 51  ? -4.940  -1.877  -12.887 1.00 30.46 ? 204 GLY A C   1 
ATOM   381 O O   . GLY A 1 51  ? -6.056  -1.403  -12.666 1.00 30.55 ? 204 GLY A O   1 
ATOM   382 N N   . LEU A 1 52  ? -4.502  -3.009  -12.337 1.00 30.28 ? 205 LEU A N   1 
ATOM   383 C CA  . LEU A 1 52  ? -5.347  -3.848  -11.481 1.00 30.10 ? 205 LEU A CA  1 
ATOM   384 C C   . LEU A 1 52  ? -5.804  -3.134  -10.213 1.00 29.88 ? 205 LEU A C   1 
ATOM   385 O O   . LEU A 1 52  ? -6.914  -3.363  -9.739  1.00 29.75 ? 205 LEU A O   1 
ATOM   386 C CB  . LEU A 1 52  ? -4.610  -5.135  -11.091 1.00 30.07 ? 205 LEU A CB  1 
ATOM   387 C CG  . LEU A 1 52  ? -4.261  -6.106  -12.222 1.00 29.96 ? 205 LEU A CG  1 
ATOM   388 C CD1 . LEU A 1 52  ? -3.437  -7.261  -11.676 1.00 29.90 ? 205 LEU A CD1 1 
ATOM   389 C CD2 . LEU A 1 52  ? -5.514  -6.618  -12.913 1.00 29.96 ? 205 LEU A CD2 1 
ATOM   390 N N   . ALA A 1 53  ? -4.942  -2.281  -9.668  1.00 29.81 ? 206 ALA A N   1 
ATOM   391 C CA  . ALA A 1 53  ? -5.245  -1.545  -8.443  1.00 29.81 ? 206 ALA A CA  1 
ATOM   392 C C   . ALA A 1 53  ? -6.519  -0.722  -8.600  1.00 29.80 ? 206 ALA A C   1 
ATOM   393 O O   . ALA A 1 53  ? -7.405  -0.764  -7.746  1.00 29.77 ? 206 ALA A O   1 
ATOM   394 C CB  . ALA A 1 53  ? -4.082  -0.649  -8.068  1.00 29.78 ? 206 ALA A CB  1 
ATOM   395 N N   . GLU A 1 54  ? -6.602  0.021   -9.698  1.00 29.85 ? 207 GLU A N   1 
ATOM   396 C CA  . GLU A 1 54  ? -7.806  0.779   -10.019 1.00 29.86 ? 207 GLU A CA  1 
ATOM   397 C C   . GLU A 1 54  ? -9.011  -0.142  -10.217 1.00 29.84 ? 207 GLU A C   1 
ATOM   398 O O   . GLU A 1 54  ? -10.104 0.161   -9.749  1.00 29.86 ? 207 GLU A O   1 
ATOM   399 C CB  . GLU A 1 54  ? -7.589  1.623   -11.278 1.00 29.86 ? 207 GLU A CB  1 
ATOM   400 C CG  . GLU A 1 54  ? -8.855  2.315   -11.780 1.00 29.94 ? 207 GLU A CG  1 
ATOM   401 C CD  . GLU A 1 54  ? -8.583  3.319   -12.883 1.00 30.00 ? 207 GLU A CD  1 
ATOM   402 O OE1 . GLU A 1 54  ? -9.242  3.228   -13.945 1.00 29.98 ? 207 GLU A OE1 1 
ATOM   403 O OE2 . GLU A 1 54  ? -7.716  4.198   -12.686 1.00 30.25 ? 207 GLU A OE2 1 
ATOM   404 N N   . SER A 1 55  ? -8.797  -1.265  -10.901 1.00 29.84 ? 208 SER A N   1 
ATOM   405 C CA  . SER A 1 55  ? -9.878  -2.189  -11.255 1.00 29.88 ? 208 SER A CA  1 
ATOM   406 C C   . SER A 1 55  ? -10.616 -2.803  -10.061 1.00 29.91 ? 208 SER A C   1 
ATOM   407 O O   . SER A 1 55  ? -11.741 -3.271  -10.212 1.00 29.90 ? 208 SER A O   1 
ATOM   408 C CB  . SER A 1 55  ? -9.339  -3.318  -12.134 1.00 29.83 ? 208 SER A CB  1 
ATOM   409 O OG  . SER A 1 55  ? -8.659  -4.287  -11.358 1.00 30.07 ? 208 SER A OG  1 
ATOM   410 N N   . THR A 1 56  ? -9.988  -2.825  -8.889  1.00 30.10 ? 209 THR A N   1 
ATOM   411 C CA  . THR A 1 56  ? -10.634 -3.375  -7.696  1.00 30.27 ? 209 THR A CA  1 
ATOM   412 C C   . THR A 1 56  ? -11.768 -2.481  -7.211  1.00 30.38 ? 209 THR A C   1 
ATOM   413 O O   . THR A 1 56  ? -12.865 -2.960  -6.925  1.00 30.31 ? 209 THR A O   1 
ATOM   414 C CB  . THR A 1 56  ? -9.636  -3.580  -6.533  1.00 30.21 ? 209 THR A CB  1 
ATOM   415 O OG1 . THR A 1 56  ? -9.032  -2.328  -6.178  1.00 30.23 ? 209 THR A OG1 1 
ATOM   416 C CG2 . THR A 1 56  ? -8.557  -4.577  -6.922  1.00 30.35 ? 209 THR A CG2 1 
ATOM   417 N N   . GLY A 1 57  ? -11.494 -1.182  -7.122  1.00 30.65 ? 210 GLY A N   1 
ATOM   418 C CA  . GLY A 1 57  ? -12.452 -0.219  -6.586  1.00 30.89 ? 210 GLY A CA  1 
ATOM   419 C C   . GLY A 1 57  ? -12.461 -0.198  -5.068  1.00 31.07 ? 210 GLY A C   1 
ATOM   420 O O   . GLY A 1 57  ? -13.385 0.335   -4.456  1.00 31.15 ? 210 GLY A O   1 
ATOM   421 N N   . LEU A 1 58  ? -11.429 -0.784  -4.465  1.00 31.32 ? 211 LEU A N   1 
ATOM   422 C CA  . LEU A 1 58  ? -11.289 -0.848  -3.012  1.00 31.56 ? 211 LEU A CA  1 
ATOM   423 C C   . LEU A 1 58  ? -10.083 -0.026  -2.543  1.00 31.82 ? 211 LEU A C   1 
ATOM   424 O O   . LEU A 1 58  ? -10.129 0.610   -1.483  1.00 31.85 ? 211 LEU A O   1 
ATOM   425 C CB  . LEU A 1 58  ? -11.136 -2.303  -2.568  1.00 31.64 ? 211 LEU A CB  1 
ATOM   426 C CG  . LEU A 1 58  ? -12.169 -3.304  -3.094  1.00 31.54 ? 211 LEU A CG  1 
ATOM   427 C CD1 . LEU A 1 58  ? -11.788 -4.712  -2.658  1.00 31.66 ? 211 LEU A CD1 1 
ATOM   428 C CD2 . LEU A 1 58  ? -13.569 -2.953  -2.623  1.00 31.58 ? 211 LEU A CD2 1 
ATOM   429 N N   . LEU A 1 59  ? -9.004  -0.070  -3.330  1.00 32.05 ? 212 LEU A N   1 
ATOM   430 C CA  . LEU A 1 59  ? -7.847  0.808   -3.144  1.00 32.08 ? 212 LEU A CA  1 
ATOM   431 C C   . LEU A 1 59  ? -8.180  2.235   -3.578  1.00 32.09 ? 212 LEU A C   1 
ATOM   432 O O   . LEU A 1 59  ? -8.828  2.442   -4.604  1.00 32.11 ? 212 LEU A O   1 
ATOM   433 C CB  . LEU A 1 59  ? -6.645  0.304   -3.951  1.00 32.22 ? 212 LEU A CB  1 
ATOM   434 C CG  . LEU A 1 59  ? -5.878  -0.889  -3.375  1.00 32.76 ? 212 LEU A CG  1 
ATOM   435 C CD1 . LEU A 1 59  ? -4.844  -1.388  -4.374  1.00 33.19 ? 212 LEU A CD1 1 
ATOM   436 C CD2 . LEU A 1 59  ? -5.210  -0.527  -2.051  1.00 33.04 ? 212 LEU A CD2 1 
ATOM   437 N N   . ALA A 1 60  ? -7.723  3.206   -2.790  1.00 32.11 ? 213 ALA A N   1 
ATOM   438 C CA  . ALA A 1 60  ? -7.973  4.623   -3.047  1.00 32.09 ? 213 ALA A CA  1 
ATOM   439 C C   . ALA A 1 60  ? -6.781  5.467   -2.609  1.00 32.08 ? 213 ALA A C   1 
ATOM   440 O O   . ALA A 1 60  ? -5.947  5.022   -1.816  1.00 32.20 ? 213 ALA A O   1 
ATOM   441 C CB  . ALA A 1 60  ? -9.223  5.070   -2.320  1.00 32.14 ? 213 ALA A CB  1 
ATOM   442 N N   . VAL A 1 61  ? -6.714  6.691   -3.118  1.00 32.03 ? 214 VAL A N   1 
ATOM   443 C CA  . VAL A 1 61  ? -5.596  7.577   -2.822  1.00 32.08 ? 214 VAL A CA  1 
ATOM   444 C C   . VAL A 1 61  ? -5.627  7.992   -1.344  1.00 32.16 ? 214 VAL A C   1 
ATOM   445 O O   . VAL A 1 61  ? -6.695  8.225   -0.780  1.00 32.19 ? 214 VAL A O   1 
ATOM   446 C CB  . VAL A 1 61  ? -5.603  8.816   -3.746  1.00 32.02 ? 214 VAL A CB  1 
ATOM   447 C CG1 . VAL A 1 61  ? -4.441  9.747   -3.417  1.00 31.94 ? 214 VAL A CG1 1 
ATOM   448 C CG2 . VAL A 1 61  ? -5.559  8.381   -5.211  1.00 31.97 ? 214 VAL A CG2 1 
ATOM   449 N N   . ASN A 1 62  ? -4.442  8.052   -0.733  1.00 32.27 ? 215 ASN A N   1 
ATOM   450 C CA  . ASN A 1 62  ? -4.258  8.374   0.693   1.00 32.31 ? 215 ASN A CA  1 
ATOM   451 C C   . ASN A 1 62  ? -4.742  7.292   1.665   1.00 32.40 ? 215 ASN A C   1 
ATOM   452 O O   . ASN A 1 62  ? -4.997  7.580   2.839   1.00 32.54 ? 215 ASN A O   1 
ATOM   453 C CB  . ASN A 1 62  ? -4.884  9.728   1.056   1.00 32.39 ? 215 ASN A CB  1 
ATOM   454 C CG  . ASN A 1 62  ? -4.379  10.863  0.181   1.00 32.82 ? 215 ASN A CG  1 
ATOM   455 O OD1 . ASN A 1 62  ? -4.976  11.940  0.144   1.00 33.16 ? 215 ASN A OD1 1 
ATOM   456 N ND2 . ASN A 1 62  ? -3.275  10.629  -0.526  1.00 33.62 ? 215 ASN A ND2 1 
ATOM   457 N N   . ASP A 1 63  ? -4.849  6.052   1.180   1.00 32.36 ? 216 ASP A N   1 
ATOM   458 C CA  . ASP A 1 63  ? -5.054  4.889   2.052   1.00 32.14 ? 216 ASP A CA  1 
ATOM   459 C C   . ASP A 1 63  ? -3.702  4.482   2.624   1.00 31.97 ? 216 ASP A C   1 
ATOM   460 O O   . ASP A 1 63  ? -2.682  4.590   1.939   1.00 31.89 ? 216 ASP A O   1 
ATOM   461 C CB  . ASP A 1 63  ? -5.675  3.719   1.280   1.00 32.20 ? 216 ASP A CB  1 
ATOM   462 C CG  . ASP A 1 63  ? -7.129  3.970   0.898   1.00 32.57 ? 216 ASP A CG  1 
ATOM   463 O OD1 . ASP A 1 63  ? -7.642  5.090   1.126   1.00 33.00 ? 216 ASP A OD1 1 
ATOM   464 O OD2 . ASP A 1 63  ? -7.767  3.038   0.368   1.00 33.10 ? 216 ASP A OD2 1 
ATOM   465 N N   . GLU A 1 64  ? -3.693  4.027   3.877   1.00 31.70 ? 217 GLU A N   1 
ATOM   466 C CA  . GLU A 1 64  ? -2.447  3.689   4.565   1.00 31.46 ? 217 GLU A CA  1 
ATOM   467 C C   . GLU A 1 64  ? -2.144  2.209   4.423   1.00 31.17 ? 217 GLU A C   1 
ATOM   468 O O   . GLU A 1 64  ? -3.000  1.372   4.672   1.00 31.22 ? 217 GLU A O   1 
ATOM   469 C CB  . GLU A 1 64  ? -2.530  4.047   6.050   1.00 31.38 ? 217 GLU A CB  1 
ATOM   470 C CG  . GLU A 1 64  ? -1.218  3.823   6.793   1.00 31.80 ? 217 GLU A CG  1 
ATOM   471 C CD  . GLU A 1 64  ? -1.278  4.204   8.264   1.00 31.95 ? 217 GLU A CD  1 
ATOM   472 O OE1 . GLU A 1 64  ? -2.331  4.702   8.727   1.00 32.39 ? 217 GLU A OE1 1 
ATOM   473 O OE2 . GLU A 1 64  ? -0.255  3.995   8.957   1.00 32.28 ? 217 GLU A OE2 1 
ATOM   474 N N   . VAL A 1 65  ? -0.918  1.884   4.045   1.00 30.84 ? 218 VAL A N   1 
ATOM   475 C CA  . VAL A 1 65  ? -0.520  0.495   3.910   1.00 30.64 ? 218 VAL A CA  1 
ATOM   476 C C   . VAL A 1 65  ? -0.203  -0.029  5.297   1.00 30.45 ? 218 VAL A C   1 
ATOM   477 O O   . VAL A 1 65  ? 0.675   0.505   5.972   1.00 30.41 ? 218 VAL A O   1 
ATOM   478 C CB  . VAL A 1 65  ? 0.711   0.357   2.996   1.00 30.69 ? 218 VAL A CB  1 
ATOM   479 C CG1 . VAL A 1 65  ? 1.193   -1.085  2.945   1.00 30.47 ? 218 VAL A CG1 1 
ATOM   480 C CG2 . VAL A 1 65  ? 0.386   0.876   1.592   1.00 30.86 ? 218 VAL A CG2 1 
ATOM   481 N N   . ILE A 1 66  ? -0.926  -1.059  5.727   1.00 30.25 ? 219 ILE A N   1 
ATOM   482 C CA  . ILE A 1 66  ? -0.717  -1.645  7.048   1.00 30.16 ? 219 ILE A CA  1 
ATOM   483 C C   . ILE A 1 66  ? 0.238   -2.831  6.949   1.00 30.07 ? 219 ILE A C   1 
ATOM   484 O O   . ILE A 1 66  ? 1.252   -2.880  7.648   1.00 29.93 ? 219 ILE A O   1 
ATOM   485 C CB  . ILE A 1 66  ? -2.049  -2.073  7.696   1.00 30.02 ? 219 ILE A CB  1 
ATOM   486 C CG1 . ILE A 1 66  ? -3.011  -0.881  7.765   1.00 30.08 ? 219 ILE A CG1 1 
ATOM   487 C CG2 . ILE A 1 66  ? -1.810  -2.649  9.092   1.00 30.08 ? 219 ILE A CG2 1 
ATOM   488 C CD1 . ILE A 1 66  ? -2.449  0.344   8.493   1.00 29.86 ? 219 ILE A CD1 1 
ATOM   489 N N   . GLU A 1 67  ? -0.087  -3.784  6.083   1.00 30.13 ? 220 GLU A N   1 
ATOM   490 C CA  . GLU A 1 67  ? 0.819   -4.897  5.803   1.00 30.21 ? 220 GLU A CA  1 
ATOM   491 C C   . GLU A 1 67  ? 0.798   -5.320  4.335   1.00 30.14 ? 220 GLU A C   1 
ATOM   492 O O   . GLU A 1 67  ? -0.118  -4.989  3.579   1.00 30.12 ? 220 GLU A O   1 
ATOM   493 C CB  . GLU A 1 67  ? 0.527   -6.096  6.718   1.00 30.23 ? 220 GLU A CB  1 
ATOM   494 C CG  . GLU A 1 67  ? -0.910  -6.537  6.763   1.00 30.67 ? 220 GLU A CG  1 
ATOM   495 C CD  . GLU A 1 67  ? -1.134  -7.712  7.700   1.00 30.94 ? 220 GLU A CD  1 
ATOM   496 O OE1 . GLU A 1 67  ? -1.576  -8.780  7.218   1.00 32.16 ? 220 GLU A OE1 1 
ATOM   497 O OE2 . GLU A 1 67  ? -0.878  -7.569  8.918   1.00 31.73 ? 220 GLU A OE2 1 
ATOM   498 N N   . VAL A 1 68  ? 1.848   -6.040  3.950   1.00 30.11 ? 221 VAL A N   1 
ATOM   499 C CA  . VAL A 1 68  ? 1.988   -6.603  2.620   1.00 29.82 ? 221 VAL A CA  1 
ATOM   500 C C   . VAL A 1 68  ? 2.154   -8.107  2.794   1.00 29.78 ? 221 VAL A C   1 
ATOM   501 O O   . VAL A 1 68  ? 3.156   -8.567  3.331   1.00 30.04 ? 221 VAL A O   1 
ATOM   502 C CB  . VAL A 1 68  ? 3.221   -6.011  1.894   1.00 29.88 ? 221 VAL A CB  1 
ATOM   503 C CG1 . VAL A 1 68  ? 3.471   -6.715  0.560   1.00 29.84 ? 221 VAL A CG1 1 
ATOM   504 C CG2 . VAL A 1 68  ? 3.042   -4.506  1.687   1.00 29.86 ? 221 VAL A CG2 1 
ATOM   505 N N   . ASN A 1 69  ? 1.155   -8.865  2.359   1.00 29.60 ? 222 ASN A N   1 
ATOM   506 C CA  . ASN A 1 69  ? 1.184   -10.319 2.459   1.00 29.32 ? 222 ASN A CA  1 
ATOM   507 C C   . ASN A 1 69  ? 1.576   -10.817 3.844   1.00 29.26 ? 222 ASN A C   1 
ATOM   508 O O   . ASN A 1 69  ? 2.459   -11.663 3.983   1.00 29.28 ? 222 ASN A O   1 
ATOM   509 C CB  . ASN A 1 69  ? 2.104   -10.898 1.387   1.00 29.15 ? 222 ASN A CB  1 
ATOM   510 C CG  . ASN A 1 69  ? 1.560   -10.689 -0.005  1.00 28.72 ? 222 ASN A CG  1 
ATOM   511 O OD1 . ASN A 1 69  ? 1.928   -9.737  -0.689  1.00 27.87 ? 222 ASN A OD1 1 
ATOM   512 N ND2 . ASN A 1 69  ? 0.651   -11.565 -0.422  1.00 27.47 ? 222 ASN A ND2 1 
ATOM   513 N N   . GLY A 1 70  ? 0.907   -10.277 4.864   1.00 29.21 ? 223 GLY A N   1 
ATOM   514 C CA  . GLY A 1 70  ? 1.061   -10.743 6.240   1.00 29.23 ? 223 GLY A CA  1 
ATOM   515 C C   . GLY A 1 70  ? 2.113   -10.024 7.069   1.00 29.16 ? 223 GLY A C   1 
ATOM   516 O O   . GLY A 1 70  ? 2.182   -10.215 8.284   1.00 29.01 ? 223 GLY A O   1 
ATOM   517 N N   . ILE A 1 71  ? 2.932   -9.202  6.421   1.00 29.25 ? 224 ILE A N   1 
ATOM   518 C CA  . ILE A 1 71  ? 4.041   -8.541  7.088   1.00 29.49 ? 224 ILE A CA  1 
ATOM   519 C C   . ILE A 1 71  ? 3.750   -7.053  7.239   1.00 29.81 ? 224 ILE A C   1 
ATOM   520 O O   . ILE A 1 71  ? 3.636   -6.329  6.248   1.00 29.84 ? 224 ILE A O   1 
ATOM   521 C CB  . ILE A 1 71  ? 5.367   -8.728  6.310   1.00 29.30 ? 224 ILE A CB  1 
ATOM   522 C CG1 . ILE A 1 71  ? 5.626   -10.213 6.012   1.00 28.27 ? 224 ILE A CG1 1 
ATOM   523 C CG2 . ILE A 1 71  ? 6.535   -8.110  7.085   1.00 29.27 ? 224 ILE A CG2 1 
ATOM   524 C CD1 . ILE A 1 71  ? 5.672   -11.113 7.234   1.00 27.75 ? 224 ILE A CD1 1 
ATOM   525 N N   . GLU A 1 72  ? 3.631   -6.618  8.490   1.00 30.25 ? 225 GLU A N   1 
ATOM   526 C CA  . GLU A 1 72  ? 3.386   -5.220  8.833   1.00 30.68 ? 225 GLU A CA  1 
ATOM   527 C C   . GLU A 1 72  ? 4.528   -4.354  8.362   1.00 30.67 ? 225 GLU A C   1 
ATOM   528 O O   . GLU A 1 72  ? 5.685   -4.734  8.501   1.00 30.93 ? 225 GLU A O   1 
ATOM   529 C CB  . GLU A 1 72  ? 3.219   -5.074  10.349  1.00 30.73 ? 225 GLU A CB  1 
ATOM   530 C CG  . GLU A 1 72  ? 1.884   -5.620  10.856  1.00 31.46 ? 225 GLU A CG  1 
ATOM   531 C CD  . GLU A 1 72  ? 1.989   -6.413  12.154  1.00 31.89 ? 225 GLU A CD  1 
ATOM   532 O OE1 . GLU A 1 72  ? 2.949   -7.207  12.298  1.00 33.75 ? 225 GLU A OE1 1 
ATOM   533 O OE2 . GLU A 1 72  ? 1.088   -6.262  13.017  1.00 33.49 ? 225 GLU A OE2 1 
ATOM   534 N N   . VAL A 1 73  ? 4.199   -3.193  7.804   1.00 30.87 ? 226 VAL A N   1 
ATOM   535 C CA  . VAL A 1 73  ? 5.210   -2.304  7.230   1.00 31.11 ? 226 VAL A CA  1 
ATOM   536 C C   . VAL A 1 73  ? 5.651   -1.201  8.191   1.00 31.26 ? 226 VAL A C   1 
ATOM   537 O O   . VAL A 1 73  ? 6.501   -0.380  7.840   1.00 31.47 ? 226 VAL A O   1 
ATOM   538 C CB  . VAL A 1 73  ? 4.723   -1.656  5.912   1.00 31.15 ? 226 VAL A CB  1 
ATOM   539 C CG1 . VAL A 1 73  ? 4.189   -2.719  4.964   1.00 31.38 ? 226 VAL A CG1 1 
ATOM   540 C CG2 . VAL A 1 73  ? 3.664   -0.584  6.179   1.00 31.44 ? 226 VAL A CG2 1 
ATOM   541 N N   . ALA A 1 74  ? 5.077   -1.171  9.392   1.00 31.37 ? 227 ALA A N   1 
ATOM   542 C CA  . ALA A 1 74  ? 5.466   -0.183  10.394  1.00 31.43 ? 227 ALA A CA  1 
ATOM   543 C C   . ALA A 1 74  ? 6.945   -0.343  10.718  1.00 31.48 ? 227 ALA A C   1 
ATOM   544 O O   . ALA A 1 74  ? 7.419   -1.457  10.957  1.00 31.61 ? 227 ALA A O   1 
ATOM   545 C CB  . ALA A 1 74  ? 4.630   -0.337  11.654  1.00 31.61 ? 227 ALA A CB  1 
ATOM   546 N N   . GLY A 1 75  ? 7.666   0.776   10.707  1.00 31.48 ? 228 GLY A N   1 
ATOM   547 C CA  . GLY A 1 75  ? 9.105   0.782   10.948  1.00 31.47 ? 228 GLY A CA  1 
ATOM   548 C C   . GLY A 1 75  ? 9.932   0.727   9.676   1.00 31.50 ? 228 GLY A C   1 
ATOM   549 O O   . GLY A 1 75  ? 11.131  1.005   9.707   1.00 31.63 ? 228 GLY A O   1 
ATOM   550 N N   . LYS A 1 76  ? 9.299   0.388   8.554   1.00 31.38 ? 229 LYS A N   1 
ATOM   551 C CA  . LYS A 1 76  ? 10.015  0.211   7.295   1.00 31.43 ? 229 LYS A CA  1 
ATOM   552 C C   . LYS A 1 76  ? 10.007  1.458   6.417   1.00 31.36 ? 229 LYS A C   1 
ATOM   553 O O   . LYS A 1 76  ? 9.037   2.213   6.405   1.00 31.45 ? 229 LYS A O   1 
ATOM   554 C CB  . LYS A 1 76  ? 9.426   -0.966  6.521   1.00 31.55 ? 229 LYS A CB  1 
ATOM   555 C CG  . LYS A 1 76  ? 9.547   -2.278  7.267   1.00 31.54 ? 229 LYS A CG  1 
ATOM   556 C CD  . LYS A 1 76  ? 9.153   -3.453  6.399   1.00 31.64 ? 229 LYS A CD  1 
ATOM   557 C CE  . LYS A 1 76  ? 9.534   -4.770  7.057   1.00 31.97 ? 229 LYS A CE  1 
ATOM   558 N NZ  . LYS A 1 76  ? 11.015  -4.869  7.252   1.00 32.84 ? 229 LYS A NZ  1 
ATOM   559 N N   . THR A 1 77  ? 11.105  1.648   5.685   1.00 31.31 ? 230 THR A N   1 
ATOM   560 C CA  . THR A 1 77  ? 11.263  2.738   4.724   1.00 31.25 ? 230 THR A CA  1 
ATOM   561 C C   . THR A 1 77  ? 10.510  2.457   3.423   1.00 31.21 ? 230 THR A C   1 
ATOM   562 O O   . THR A 1 77  ? 10.075  1.334   3.172   1.00 31.24 ? 230 THR A O   1 
ATOM   563 C CB  . THR A 1 77  ? 12.754  2.967   4.370   1.00 31.25 ? 230 THR A CB  1 
ATOM   564 O OG1 . THR A 1 77  ? 13.237  1.881   3.570   1.00 31.19 ? 230 THR A OG1 1 
ATOM   565 C CG2 . THR A 1 77  ? 13.611  3.088   5.634   1.00 31.08 ? 230 THR A CG2 1 
ATOM   566 N N   . LEU A 1 78  ? 10.384  3.485   2.589   1.00 31.19 ? 231 LEU A N   1 
ATOM   567 C CA  . LEU A 1 78  ? 9.622   3.381   1.346   1.00 31.25 ? 231 LEU A CA  1 
ATOM   568 C C   . LEU A 1 78  ? 10.279  2.439   0.330   1.00 31.30 ? 231 LEU A C   1 
ATOM   569 O O   . LEU A 1 78  ? 9.585   1.755   -0.428  1.00 31.33 ? 231 LEU A O   1 
ATOM   570 C CB  . LEU A 1 78  ? 9.431   4.770   0.730   1.00 31.34 ? 231 LEU A CB  1 
ATOM   571 C CG  . LEU A 1 78  ? 8.485   4.870   -0.471  1.00 31.18 ? 231 LEU A CG  1 
ATOM   572 C CD1 . LEU A 1 78  ? 7.059   4.533   -0.074  1.00 31.16 ? 231 LEU A CD1 1 
ATOM   573 C CD2 . LEU A 1 78  ? 8.552   6.265   -1.061  1.00 31.14 ? 231 LEU A CD2 1 
ATOM   574 N N   . ASP A 1 79  ? 11.610  2.408   0.310   1.00 31.26 ? 232 ASP A N   1 
ATOM   575 C CA  . ASP A 1 79  ? 12.340  1.496   -0.573  1.00 31.17 ? 232 ASP A CA  1 
ATOM   576 C C   . ASP A 1 79  ? 12.119  0.049   -0.173  1.00 30.92 ? 232 ASP A C   1 
ATOM   577 O O   . ASP A 1 79  ? 12.085  -0.832  -1.020  1.00 30.85 ? 232 ASP A O   1 
ATOM   578 C CB  . ASP A 1 79  ? 13.839  1.787   -0.554  1.00 31.40 ? 232 ASP A CB  1 
ATOM   579 C CG  . ASP A 1 79  ? 14.190  3.057   -1.280  1.00 32.32 ? 232 ASP A CG  1 
ATOM   580 O OD1 . ASP A 1 79  ? 13.876  4.144   -0.747  1.00 33.61 ? 232 ASP A OD1 1 
ATOM   581 O OD2 . ASP A 1 79  ? 14.788  2.967   -2.377  1.00 34.07 ? 232 ASP A OD2 1 
ATOM   582 N N   . GLN A 1 80  ? 11.989  -0.189  1.124   1.00 30.61 ? 233 GLN A N   1 
ATOM   583 C CA  . GLN A 1 80  ? 11.755  -1.528  1.625   1.00 30.50 ? 233 GLN A CA  1 
ATOM   584 C C   . GLN A 1 80  ? 10.357  -1.989  1.268   1.00 30.47 ? 233 GLN A C   1 
ATOM   585 O O   . GLN A 1 80  ? 10.177  -3.102  0.780   1.00 30.54 ? 233 GLN A O   1 
ATOM   586 C CB  . GLN A 1 80  ? 11.959  -1.575  3.133   1.00 30.50 ? 233 GLN A CB  1 
ATOM   587 C CG  . GLN A 1 80  ? 13.423  -1.421  3.535   1.00 30.57 ? 233 GLN A CG  1 
ATOM   588 C CD  . GLN A 1 80  ? 13.623  -1.343  5.028   1.00 30.19 ? 233 GLN A CD  1 
ATOM   589 O OE1 . GLN A 1 80  ? 14.652  -1.763  5.551   1.00 30.63 ? 233 GLN A OE1 1 
ATOM   590 N NE2 . GLN A 1 80  ? 12.639  -0.809  5.723   1.00 29.68 ? 233 GLN A NE2 1 
ATOM   591 N N   . VAL A 1 81  ? 9.371   -1.130  1.497   1.00 30.40 ? 234 VAL A N   1 
ATOM   592 C CA  . VAL A 1 81  ? 7.979   -1.497  1.240   1.00 30.43 ? 234 VAL A CA  1 
ATOM   593 C C   . VAL A 1 81  ? 7.736   -1.706  -0.245  1.00 30.30 ? 234 VAL A C   1 
ATOM   594 O O   . VAL A 1 81  ? 7.109   -2.677  -0.638  1.00 30.18 ? 234 VAL A O   1 
ATOM   595 C CB  . VAL A 1 81  ? 7.012   -0.452  1.808   1.00 30.29 ? 234 VAL A CB  1 
ATOM   596 C CG1 . VAL A 1 81  ? 5.573   -0.767  1.406   1.00 30.34 ? 234 VAL A CG1 1 
ATOM   597 C CG2 . VAL A 1 81  ? 7.149   -0.414  3.318   1.00 30.37 ? 234 VAL A CG2 1 
ATOM   598 N N   . THR A 1 82  ? 8.246   -0.797  -1.064  1.00 30.60 ? 235 THR A N   1 
ATOM   599 C CA  . THR A 1 82  ? 8.202   -0.958  -2.515  1.00 30.79 ? 235 THR A CA  1 
ATOM   600 C C   . THR A 1 82  ? 8.749   -2.325  -2.925  1.00 30.86 ? 235 THR A C   1 
ATOM   601 O O   . THR A 1 82  ? 8.122   -3.039  -3.706  1.00 30.92 ? 235 THR A O   1 
ATOM   602 C CB  . THR A 1 82  ? 9.040   0.124   -3.227  1.00 30.95 ? 235 THR A CB  1 
ATOM   603 O OG1 . THR A 1 82  ? 8.745   1.416   -2.673  1.00 31.47 ? 235 THR A OG1 1 
ATOM   604 C CG2 . THR A 1 82  ? 8.754   0.122   -4.729  1.00 30.82 ? 235 THR A CG2 1 
ATOM   605 N N   . ASP A 1 83  ? 9.915   -2.672  -2.379  1.00 30.93 ? 236 ASP A N   1 
ATOM   606 C CA  . ASP A 1 83  ? 10.584  -3.948  -2.650  1.00 30.97 ? 236 ASP A CA  1 
ATOM   607 C C   . ASP A 1 83  ? 9.774   -5.149  -2.180  1.00 31.05 ? 236 ASP A C   1 
ATOM   608 O O   . ASP A 1 83  ? 9.801   -6.197  -2.812  1.00 31.04 ? 236 ASP A O   1 
ATOM   609 C CB  . ASP A 1 83  ? 11.962  -3.986  -1.974  1.00 30.90 ? 236 ASP A CB  1 
ATOM   610 C CG  . ASP A 1 83  ? 12.988  -3.100  -2.661  1.00 30.53 ? 236 ASP A CG  1 
ATOM   611 O OD1 . ASP A 1 83  ? 12.628  -2.352  -3.595  1.00 30.48 ? 236 ASP A OD1 1 
ATOM   612 O OD2 . ASP A 1 83  ? 14.167  -3.152  -2.254  1.00 30.33 ? 236 ASP A OD2 1 
ATOM   613 N N   . MET A 1 84  ? 9.078   -5.000  -1.058  1.00 31.39 ? 237 MET A N   1 
ATOM   614 C CA  . MET A 1 84  ? 8.190   -6.045  -0.558  1.00 31.70 ? 237 MET A CA  1 
ATOM   615 C C   . MET A 1 84  ? 7.035   -6.274  -1.526  1.00 31.93 ? 237 MET A C   1 
ATOM   616 O O   . MET A 1 84  ? 6.612   -7.405  -1.739  1.00 32.04 ? 237 MET A O   1 
ATOM   617 C CB  . MET A 1 84  ? 7.627   -5.673  0.821   1.00 31.45 ? 237 MET A CB  1 
ATOM   618 C CG  . MET A 1 84  ? 8.622   -5.791  1.967   1.00 31.62 ? 237 MET A CG  1 
ATOM   619 S SD  . MET A 1 84  ? 8.070   -4.946  3.470   1.00 31.72 ? 237 MET A SD  1 
ATOM   620 C CE  . MET A 1 84  ? 6.631   -5.914  3.906   1.00 31.32 ? 237 MET A CE  1 
ATOM   621 N N   . MET A 1 85  ? 6.532   -5.191  -2.110  1.00 32.22 ? 238 MET A N   1 
ATOM   622 C CA  . MET A 1 85  ? 5.375   -5.260  -2.991  1.00 32.60 ? 238 MET A CA  1 
ATOM   623 C C   . MET A 1 85  ? 5.702   -5.825  -4.363  1.00 32.95 ? 238 MET A C   1 
ATOM   624 O O   . MET A 1 85  ? 4.953   -6.647  -4.882  1.00 33.10 ? 238 MET A O   1 
ATOM   625 C CB  . MET A 1 85  ? 4.754   -3.882  -3.134  1.00 32.55 ? 238 MET A CB  1 
ATOM   626 C CG  . MET A 1 85  ? 4.235   -3.362  -1.829  1.00 32.34 ? 238 MET A CG  1 
ATOM   627 S SD  . MET A 1 85  ? 3.127   -2.006  -2.057  1.00 32.52 ? 238 MET A SD  1 
ATOM   628 C CE  . MET A 1 85  ? 2.602   -1.751  -0.373  1.00 32.67 ? 238 MET A CE  1 
ATOM   629 N N   . VAL A 1 86  ? 6.814   -5.386  -4.946  1.00 33.49 ? 239 VAL A N   1 
ATOM   630 C CA  . VAL A 1 86  ? 7.244   -5.889  -6.256  1.00 33.89 ? 239 VAL A CA  1 
ATOM   631 C C   . VAL A 1 86  ? 7.767   -7.328  -6.167  1.00 34.25 ? 239 VAL A C   1 
ATOM   632 O O   . VAL A 1 86  ? 7.702   -8.075  -7.140  1.00 34.29 ? 239 VAL A O   1 
ATOM   633 C CB  . VAL A 1 86  ? 8.314   -4.985  -6.930  1.00 33.92 ? 239 VAL A CB  1 
ATOM   634 C CG1 . VAL A 1 86  ? 7.817   -3.544  -7.036  1.00 33.99 ? 239 VAL A CG1 1 
ATOM   635 C CG2 . VAL A 1 86  ? 9.644   -5.052  -6.204  1.00 34.02 ? 239 VAL A CG2 1 
ATOM   636 N N   . ALA A 1 87  ? 8.286   -7.706  -5.000  1.00 34.61 ? 240 ALA A N   1 
ATOM   637 C CA  . ALA A 1 87  ? 8.681   -9.091  -4.746  1.00 34.90 ? 240 ALA A CA  1 
ATOM   638 C C   . ALA A 1 87  ? 7.469   -10.005 -4.845  1.00 35.26 ? 240 ALA A C   1 
ATOM   639 O O   . ALA A 1 87  ? 7.520   -11.038 -5.512  1.00 35.51 ? 240 ALA A O   1 
ATOM   640 C CB  . ALA A 1 87  ? 9.312   -9.223  -3.372  1.00 35.02 ? 240 ALA A CB  1 
ATOM   641 N N   . ASN A 1 88  ? 6.383   -9.604  -4.176  1.00 35.50 ? 241 ASN A N   1 
ATOM   642 C CA  . ASN A 1 88  ? 5.123   -10.361 -4.145  1.00 35.44 ? 241 ASN A CA  1 
ATOM   643 C C   . ASN A 1 88  ? 4.142   -9.985  -5.278  1.00 35.37 ? 241 ASN A C   1 
ATOM   644 O O   . ASN A 1 88  ? 2.944   -10.266 -5.178  1.00 35.40 ? 241 ASN A O   1 
ATOM   645 C CB  . ASN A 1 88  ? 4.424   -10.124 -2.793  1.00 35.69 ? 241 ASN A CB  1 
ATOM   646 C CG  . ASN A 1 88  ? 5.262   -10.574 -1.598  1.00 36.17 ? 241 ASN A CG  1 
ATOM   647 O OD1 . ASN A 1 88  ? 5.483   -11.770 -1.391  1.00 36.75 ? 241 ASN A OD1 1 
ATOM   648 N ND2 . ASN A 1 88  ? 5.703   -9.615  -0.788  1.00 36.77 ? 241 ASN A ND2 1 
ATOM   649 N N   . SER A 1 89  ? 4.647   -9.385  -6.357  1.00 35.24 ? 242 SER A N   1 
ATOM   650 C CA  . SER A 1 89  ? 3.797   -8.695  -7.341  1.00 35.14 ? 242 SER A CA  1 
ATOM   651 C C   . SER A 1 89  ? 2.807   -9.580  -8.091  1.00 35.18 ? 242 SER A C   1 
ATOM   652 O O   . SER A 1 89  ? 1.818   -9.074  -8.630  1.00 35.23 ? 242 SER A O   1 
ATOM   653 C CB  . SER A 1 89  ? 4.654   -7.938  -8.354  1.00 34.98 ? 242 SER A CB  1 
ATOM   654 O OG  . SER A 1 89  ? 5.631   -8.791  -8.911  1.00 34.83 ? 242 SER A OG  1 
ATOM   655 N N   . SER A 1 90  ? 3.065   -10.884 -8.139  1.00 35.25 ? 243 SER A N   1 
ATOM   656 C CA  . SER A 1 90  ? 2.144   -11.811 -8.800  1.00 35.25 ? 243 SER A CA  1 
ATOM   657 C C   . SER A 1 90  ? 0.847   -11.908 -7.994  1.00 35.35 ? 243 SER A C   1 
ATOM   658 O O   . SER A 1 90  ? -0.238  -11.599 -8.506  1.00 35.55 ? 243 SER A O   1 
ATOM   659 C CB  . SER A 1 90  ? 2.781   -13.193 -8.972  1.00 35.37 ? 243 SER A CB  1 
ATOM   660 O OG  . SER A 1 90  ? 3.982   -13.112 -9.722  1.00 35.39 ? 243 SER A OG  1 
ATOM   661 N N   . ASN A 1 91  ? 0.969   -12.323 -6.732  1.00 35.11 ? 244 ASN A N   1 
ATOM   662 C CA  . ASN A 1 91  ? -0.168  -12.354 -5.822  1.00 34.67 ? 244 ASN A CA  1 
ATOM   663 C C   . ASN A 1 91  ? 0.137   -11.452 -4.644  1.00 34.26 ? 244 ASN A C   1 
ATOM   664 O O   . ASN A 1 91  ? 0.591   -11.905 -3.595  1.00 34.02 ? 244 ASN A O   1 
ATOM   665 C CB  . ASN A 1 91  ? -0.494  -13.788 -5.373  1.00 34.91 ? 244 ASN A CB  1 
ATOM   666 C CG  . ASN A 1 91  ? -1.996  -14.004 -5.114  1.00 35.20 ? 244 ASN A CG  1 
ATOM   667 O OD1 . ASN A 1 91  ? -2.723  -13.093 -4.684  1.00 35.29 ? 244 ASN A OD1 1 
ATOM   668 N ND2 . ASN A 1 91  ? -2.460  -15.219 -5.382  1.00 35.33 ? 244 ASN A ND2 1 
ATOM   669 N N   . LEU A 1 92  ? -0.095  -10.159 -4.859  1.00 33.79 ? 245 LEU A N   1 
ATOM   670 C CA  . LEU A 1 92  ? 0.090   -9.145  -3.837  1.00 33.47 ? 245 LEU A CA  1 
ATOM   671 C C   . LEU A 1 92  ? -1.173  -9.047  -2.997  1.00 33.12 ? 245 LEU A C   1 
ATOM   672 O O   . LEU A 1 92  ? -2.275  -9.036  -3.531  1.00 32.85 ? 245 LEU A O   1 
ATOM   673 C CB  . LEU A 1 92  ? 0.395   -7.797  -4.493  1.00 33.29 ? 245 LEU A CB  1 
ATOM   674 C CG  . LEU A 1 92  ? 0.707   -6.615  -3.574  1.00 33.48 ? 245 LEU A CG  1 
ATOM   675 C CD1 . LEU A 1 92  ? 1.812   -6.957  -2.566  1.00 33.29 ? 245 LEU A CD1 1 
ATOM   676 C CD2 . LEU A 1 92  ? 1.088   -5.403  -4.405  1.00 33.22 ? 245 LEU A CD2 1 
ATOM   677 N N   . ILE A 1 93  ? -1.006  -8.999  -1.680  1.00 33.05 ? 246 ILE A N   1 
ATOM   678 C CA  . ILE A 1 93  ? -2.124  -8.823  -0.754  1.00 33.15 ? 246 ILE A CA  1 
ATOM   679 C C   . ILE A 1 93  ? -1.812  -7.645  0.155   1.00 33.16 ? 246 ILE A C   1 
ATOM   680 O O   . ILE A 1 93  ? -0.952  -7.742  1.022   1.00 33.21 ? 246 ILE A O   1 
ATOM   681 C CB  . ILE A 1 93  ? -2.385  -10.087 0.108   1.00 33.08 ? 246 ILE A CB  1 
ATOM   682 C CG1 . ILE A 1 93  ? -2.731  -11.281 -0.788  1.00 32.87 ? 246 ILE A CG1 1 
ATOM   683 C CG2 . ILE A 1 93  ? -3.514  -9.821  1.116   1.00 32.96 ? 246 ILE A CG2 1 
ATOM   684 C CD1 . ILE A 1 93  ? -2.907  -12.596 -0.054  1.00 32.79 ? 246 ILE A CD1 1 
ATOM   685 N N   . ILE A 1 94  ? -2.507  -6.534  -0.063  1.00 33.35 ? 247 ILE A N   1 
ATOM   686 C CA  . ILE A 1 94  ? -2.337  -5.339  0.745   1.00 33.33 ? 247 ILE A CA  1 
ATOM   687 C C   . ILE A 1 94  ? -3.416  -5.319  1.812   1.00 33.24 ? 247 ILE A C   1 
ATOM   688 O O   . ILE A 1 94  ? -4.559  -5.680  1.549   1.00 33.14 ? 247 ILE A O   1 
ATOM   689 C CB  . ILE A 1 94  ? -2.482  -4.049  -0.103  1.00 33.60 ? 247 ILE A CB  1 
ATOM   690 C CG1 . ILE A 1 94  ? -1.609  -4.103  -1.357  1.00 34.23 ? 247 ILE A CG1 1 
ATOM   691 C CG2 . ILE A 1 94  ? -2.119  -2.817  0.721   1.00 33.65 ? 247 ILE A CG2 1 
ATOM   692 C CD1 . ILE A 1 94  ? -0.143  -4.367  -1.079  1.00 34.86 ? 247 ILE A CD1 1 
ATOM   693 N N   . THR A 1 95  ? -3.048  -4.896  3.015   1.00 33.14 ? 248 THR A N   1 
ATOM   694 C CA  . THR A 1 95  ? -4.027  -4.535  4.032   1.00 33.11 ? 248 THR A CA  1 
ATOM   695 C C   . THR A 1 95  ? -3.871  -3.046  4.283   1.00 33.07 ? 248 THR A C   1 
ATOM   696 O O   . THR A 1 95  ? -2.779  -2.577  4.609   1.00 32.88 ? 248 THR A O   1 
ATOM   697 C CB  . THR A 1 95  ? -3.823  -5.307  5.338   1.00 33.07 ? 248 THR A CB  1 
ATOM   698 O OG1 . THR A 1 95  ? -3.679  -6.702  5.051   1.00 33.43 ? 248 THR A OG1 1 
ATOM   699 C CG2 . THR A 1 95  ? -5.010  -5.107  6.280   1.00 33.08 ? 248 THR A CG2 1 
ATOM   700 N N   . VAL A 1 96  ? -4.965  -2.307  4.117   1.00 33.10 ? 249 VAL A N   1 
ATOM   701 C CA  . VAL A 1 96  ? -4.933  -0.857  4.232   1.00 33.09 ? 249 VAL A CA  1 
ATOM   702 C C   . VAL A 1 96  ? -5.943  -0.329  5.234   1.00 33.09 ? 249 VAL A C   1 
ATOM   703 O O   . VAL A 1 96  ? -6.918  -0.995  5.555   1.00 33.00 ? 249 VAL A O   1 
ATOM   704 C CB  . VAL A 1 96  ? -5.199  -0.161  2.873   1.00 33.04 ? 249 VAL A CB  1 
ATOM   705 C CG1 . VAL A 1 96  ? -4.012  -0.337  1.928   1.00 33.13 ? 249 VAL A CG1 1 
ATOM   706 C CG2 . VAL A 1 96  ? -6.500  -0.661  2.234   1.00 32.95 ? 249 VAL A CG2 1 
ATOM   707 N N   . LYS A 1 97  ? -5.681  0.879   5.721   1.00 33.35 ? 250 LYS A N   1 
ATOM   708 C CA  . LYS A 1 97  ? -6.644  1.639   6.496   1.00 33.43 ? 250 LYS A CA  1 
ATOM   709 C C   . LYS A 1 97  ? -7.188  2.720   5.565   1.00 33.45 ? 250 LYS A C   1 
ATOM   710 O O   . LYS A 1 97  ? -6.477  3.678   5.252   1.00 33.34 ? 250 LYS A O   1 
ATOM   711 C CB  . LYS A 1 97  ? -5.974  2.246   7.729   1.00 33.44 ? 250 LYS A CB  1 
ATOM   712 C CG  . LYS A 1 97  ? -6.961  2.737   8.768   1.00 33.59 ? 250 LYS A CG  1 
ATOM   713 C CD  . LYS A 1 97  ? -6.321  2.905   10.139  1.00 33.76 ? 250 LYS A CD  1 
ATOM   714 C CE  . LYS A 1 97  ? -7.391  3.182   11.195  1.00 34.07 ? 250 LYS A CE  1 
ATOM   715 N NZ  . LYS A 1 97  ? -6.819  3.537   12.525  1.00 34.45 ? 250 LYS A NZ  1 
ATOM   716 N N   . PRO A 1 98  ? -8.434  2.548   5.075   1.00 33.65 ? 251 PRO A N   1 
ATOM   717 C CA  . PRO A 1 98  ? -9.021  3.482   4.107   1.00 33.81 ? 251 PRO A CA  1 
ATOM   718 C C   . PRO A 1 98  ? -9.020  4.930   4.582   1.00 34.02 ? 251 PRO A C   1 
ATOM   719 O O   . PRO A 1 98  ? -9.349  5.199   5.736   1.00 34.12 ? 251 PRO A O   1 
ATOM   720 C CB  . PRO A 1 98  ? -10.461 2.980   3.959   1.00 33.79 ? 251 PRO A CB  1 
ATOM   721 C CG  . PRO A 1 98  ? -10.402 1.553   4.319   1.00 33.68 ? 251 PRO A CG  1 
ATOM   722 C CD  . PRO A 1 98  ? -9.362  1.444   5.388   1.00 33.63 ? 251 PRO A CD  1 
ATOM   723 N N   . ALA A 1 99  ? -8.663  5.849   3.687   1.00 34.24 ? 252 ALA A N   1 
ATOM   724 C CA  . ALA A 1 99  ? -8.576  7.273   4.016   1.00 34.33 ? 252 ALA A CA  1 
ATOM   725 C C   . ALA A 1 99  ? -9.838  7.770   4.719   1.00 34.54 ? 252 ALA A C   1 
ATOM   726 O O   . ALA A 1 99  ? -9.758  8.542   5.679   1.00 34.61 ? 252 ALA A O   1 
ATOM   727 C CB  . ALA A 1 99  ? -8.324  8.086   2.755   1.00 34.36 ? 252 ALA A CB  1 
ATOM   728 N N   . ASN A 1 100 ? -10.994 7.319   4.232   1.00 34.73 ? 253 ASN A N   1 
ATOM   729 C CA  . ASN A 1 100 ? -12.291 7.652   4.824   1.00 34.73 ? 253 ASN A CA  1 
ATOM   730 C C   . ASN A 1 100 ? -13.032 6.375   5.223   1.00 34.86 ? 253 ASN A C   1 
ATOM   731 O O   . ASN A 1 100 ? -12.858 5.316   4.611   1.00 34.93 ? 253 ASN A O   1 
ATOM   732 C CB  . ASN A 1 100 ? -13.125 8.465   3.844   1.00 34.75 ? 253 ASN A CB  1 
ATOM   733 N N   . HIS B 2 4   ? 6.241   15.016  0.175   1.00 33.12 ? 32  HIS B N   1 
ATOM   734 C CA  . HIS B 2 4   ? 6.160   13.524  0.187   1.00 33.20 ? 32  HIS B CA  1 
ATOM   735 C C   . HIS B 2 4   ? 6.743   12.937  -1.101  1.00 33.23 ? 32  HIS B C   1 
ATOM   736 O O   . HIS B 2 4   ? 6.260   13.232  -2.198  1.00 33.26 ? 32  HIS B O   1 
ATOM   737 C CB  . HIS B 2 4   ? 4.705   13.054  0.334   1.00 33.17 ? 32  HIS B CB  1 
ATOM   738 C CG  . HIS B 2 4   ? 4.027   13.533  1.582   1.00 33.08 ? 32  HIS B CG  1 
ATOM   739 N ND1 . HIS B 2 4   ? 4.417   13.136  2.843   1.00 32.90 ? 32  HIS B ND1 1 
ATOM   740 C CD2 . HIS B 2 4   ? 2.967   14.357  1.759   1.00 33.05 ? 32  HIS B CD2 1 
ATOM   741 C CE1 . HIS B 2 4   ? 3.634   13.704  3.743   1.00 32.89 ? 32  HIS B CE1 1 
ATOM   742 N NE2 . HIS B 2 4   ? 2.745   14.451  3.112   1.00 32.93 ? 32  HIS B NE2 1 
ATOM   743 N N   . ARG B 2 5   ? 7.779   12.113  -0.963  1.00 33.24 ? 33  ARG B N   1 
ATOM   744 C CA  . ARG B 2 5   ? 8.366   11.412  -2.111  1.00 33.29 ? 33  ARG B CA  1 
ATOM   745 C C   . ARG B 2 5   ? 7.630   10.106  -2.365  1.00 33.18 ? 33  ARG B C   1 
ATOM   746 O O   . ARG B 2 5   ? 7.174   9.461   -1.425  1.00 33.11 ? 33  ARG B O   1 
ATOM   747 C CB  . ARG B 2 5   ? 9.855   11.134  -1.896  1.00 33.33 ? 33  ARG B CB  1 
ATOM   748 C CG  . ARG B 2 5   ? 10.195  10.294  -0.670  1.00 33.43 ? 33  ARG B CG  1 
ATOM   749 C CD  . ARG B 2 5   ? 11.687  10.012  -0.589  1.00 33.49 ? 33  ARG B CD  1 
ATOM   750 N NE  . ARG B 2 5   ? 11.994  8.581   -0.621  1.00 33.78 ? 33  ARG B NE  1 
ATOM   751 C CZ  . ARG B 2 5   ? 12.040  7.817   -1.713  1.00 33.72 ? 33  ARG B CZ  1 
ATOM   752 N NH1 . ARG B 2 5   ? 11.788  8.313   -2.924  1.00 33.60 ? 33  ARG B NH1 1 
ATOM   753 N NH2 . ARG B 2 5   ? 12.339  6.529   -1.582  1.00 33.59 ? 33  ARG B NH2 1 
ATOM   754 N N   . GLU B 2 6   ? 7.528   9.719   -3.634  1.00 33.20 ? 34  GLU B N   1 
ATOM   755 C CA  . GLU B 2 6   ? 6.759   8.536   -4.013  1.00 33.29 ? 34  GLU B CA  1 
ATOM   756 C C   . GLU B 2 6   ? 7.566   7.550   -4.838  1.00 33.32 ? 34  GLU B C   1 
ATOM   757 O O   . GLU B 2 6   ? 8.610   7.886   -5.396  1.00 33.38 ? 34  GLU B O   1 
ATOM   758 C CB  . GLU B 2 6   ? 5.493   8.932   -4.780  1.00 33.27 ? 34  GLU B CB  1 
ATOM   759 C CG  . GLU B 2 6   ? 5.728   9.362   -6.225  1.00 33.27 ? 34  GLU B CG  1 
ATOM   760 C CD  . GLU B 2 6   ? 4.527   10.073  -6.825  1.00 33.19 ? 34  GLU B CD  1 
ATOM   761 O OE1 . GLU B 2 6   ? 3.382   9.694   -6.502  1.00 32.83 ? 34  GLU B OE1 1 
ATOM   762 O OE2 . GLU B 2 6   ? 4.732   11.009  -7.627  1.00 33.13 ? 34  GLU B OE2 1 
ATOM   763 N N   . MET B 2 7   ? 7.053   6.326   -4.907  1.00 33.44 ? 35  MET B N   1 
ATOM   764 C CA  . MET B 2 7   ? 7.675   5.254   -5.666  1.00 33.49 ? 35  MET B CA  1 
ATOM   765 C C   . MET B 2 7   ? 6.616   4.341   -6.267  1.00 33.47 ? 35  MET B C   1 
ATOM   766 O O   . MET B 2 7   ? 5.541   4.154   -5.698  1.00 33.43 ? 35  MET B O   1 
ATOM   767 C CB  . MET B 2 7   ? 8.624   4.458   -4.777  1.00 33.51 ? 35  MET B CB  1 
ATOM   768 C CG  . MET B 2 7   ? 9.980   5.116   -4.617  1.00 33.56 ? 35  MET B CG  1 
ATOM   769 S SD  . MET B 2 7   ? 11.228  3.960   -4.035  1.00 33.75 ? 35  MET B SD  1 
ATOM   770 C CE  . MET B 2 7   ? 12.717  4.767   -4.628  1.00 33.75 ? 35  MET B CE  1 
ATOM   771 N N   . ALA B 2 8   ? 6.945   3.774   -7.423  1.00 33.57 ? 36  ALA B N   1 
ATOM   772 C CA  . ALA B 2 8   ? 5.983   3.050   -8.244  1.00 33.56 ? 36  ALA B CA  1 
ATOM   773 C C   . ALA B 2 8   ? 6.082   1.549   -8.036  1.00 33.52 ? 36  ALA B C   1 
ATOM   774 O O   . ALA B 2 8   ? 7.172   0.972   -8.099  1.00 33.47 ? 36  ALA B O   1 
ATOM   775 C CB  . ALA B 2 8   ? 6.199   3.383   -9.717  1.00 33.71 ? 36  ALA B CB  1 
ATOM   776 N N   . VAL B 2 9   ? 4.931   0.926   -7.797  1.00 33.50 ? 37  VAL B N   1 
ATOM   777 C CA  . VAL B 2 9   ? 4.831   -0.523  -7.737  1.00 33.47 ? 37  VAL B CA  1 
ATOM   778 C C   . VAL B 2 9   ? 4.281   -1.033  -9.070  1.00 33.45 ? 37  VAL B C   1 
ATOM   779 O O   . VAL B 2 9   ? 3.103   -0.841  -9.375  1.00 33.50 ? 37  VAL B O   1 
ATOM   780 C CB  . VAL B 2 9   ? 3.920   -0.971  -6.584  1.00 33.35 ? 37  VAL B CB  1 
ATOM   781 C CG1 . VAL B 2 9   ? 3.815   -2.495  -6.545  1.00 33.47 ? 37  VAL B CG1 1 
ATOM   782 C CG2 . VAL B 2 9   ? 4.444   -0.422  -5.261  1.00 33.34 ? 37  VAL B CG2 1 
ATOM   783 N N   . ASP B 2 10  ? 5.147   -1.666  -9.859  1.00 33.38 ? 38  ASP B N   1 
ATOM   784 C CA  . ASP B 2 10  ? 4.770   -2.242  -11.149 1.00 33.45 ? 38  ASP B CA  1 
ATOM   785 C C   . ASP B 2 10  ? 3.938   -1.268  -11.984 1.00 33.46 ? 38  ASP B C   1 
ATOM   786 O O   . ASP B 2 10  ? 2.706   -1.329  -11.993 1.00 33.36 ? 38  ASP B O   1 
ATOM   787 C CB  . ASP B 2 10  ? 4.017   -3.564  -10.947 1.00 33.38 ? 38  ASP B CB  1 
ATOM   788 C CG  . ASP B 2 10  ? 3.869   -4.368  -12.235 1.00 33.33 ? 38  ASP B CG  1 
ATOM   789 O OD1 . ASP B 2 10  ? 4.332   -3.910  -13.302 1.00 33.57 ? 38  ASP B OD1 1 
ATOM   790 O OD2 . ASP B 2 10  ? 3.288   -5.472  -12.182 1.00 32.90 ? 38  ASP B OD2 1 
ATOM   791 N N   . CYS B 2 11  ? 4.632   -0.368  -12.678 1.00 33.60 ? 39  CYS B N   1 
ATOM   792 C CA  . CYS B 2 11  ? 3.990   0.613   -13.551 1.00 33.68 ? 39  CYS B CA  1 
ATOM   793 C C   . CYS B 2 11  ? 4.647   0.603   -14.935 1.00 33.64 ? 39  CYS B C   1 
ATOM   794 O O   . CYS B 2 11  ? 5.872   0.569   -15.032 1.00 33.69 ? 39  CYS B O   1 
ATOM   795 C CB  . CYS B 2 11  ? 4.071   2.009   -12.925 1.00 33.72 ? 39  CYS B CB  1 
ATOM   796 S SG  . CYS B 2 11  ? 3.168   2.164   -11.346 1.00 34.17 ? 39  CYS B SG  1 
ATOM   797 N N   . PRO B 2 12  ? 3.835   0.634   -16.010 1.00 33.66 ? 40  PRO B N   1 
ATOM   798 C CA  . PRO B 2 12  ? 4.351   0.552   -17.380 1.00 33.68 ? 40  PRO B CA  1 
ATOM   799 C C   . PRO B 2 12  ? 4.940   1.870   -17.895 1.00 33.70 ? 40  PRO B C   1 
ATOM   800 O O   . PRO B 2 12  ? 5.117   2.830   -17.142 1.00 33.72 ? 40  PRO B O   1 
ATOM   801 C CB  . PRO B 2 12  ? 3.107   0.178   -18.188 1.00 33.70 ? 40  PRO B CB  1 
ATOM   802 C CG  . PRO B 2 12  ? 1.994   0.826   -17.451 1.00 33.70 ? 40  PRO B CG  1 
ATOM   803 C CD  . PRO B 2 12  ? 2.365   0.762   -15.992 1.00 33.64 ? 40  PRO B CD  1 
ATOM   804 O OXT . PRO B 2 12  ? 5.254   2.010   -19.081 1.00 33.66 ? 40  PRO B OXT 1 
HETATM 805 O O   . HOH C 3 .   ? 2.118   -1.615  9.968   1.00 59.06 ? 1   HOH A O   1 
HETATM 806 O O   . HOH C 3 .   ? 1.790   2.846   7.018   1.00 61.16 ? 3   HOH A O   1 
HETATM 807 O O   . HOH C 3 .   ? -0.709  11.692  5.207   1.00 68.68 ? 4   HOH A O   1 
HETATM 808 O O   . HOH C 3 .   ? -9.392  0.524   -6.445  1.00 71.77 ? 5   HOH A O   1 
HETATM 809 O O   . HOH D 3 .   ? 7.903   -1.420  -9.536  1.00 78.97 ? 2   HOH B O   1 
# 
